data_5NLM
#
_entry.id   5NLM
#
_cell.length_a   121.000
_cell.length_b   172.820
_cell.length_c   48.410
_cell.angle_alpha   90.00
_cell.angle_beta   90.00
_cell.angle_gamma   90.00
#
_symmetry.space_group_name_H-M   'P 21 21 2'
#
loop_
_entity.id
_entity.type
_entity.pdbx_description
1 polymer 'indoxyl UDP-glucosyltransferase'
2 non-polymer 3-SULFOOXY-1H-INDOLE
3 non-polymer 'MAGNESIUM ION'
4 water water
#
_entity_poly.entity_id   1
_entity_poly.type   'polypeptide(L)'
_entity_poly.pdbx_seq_one_letter_code
;GSESPAAPPTTAPPPHVIIVPSAGMGHLIPLAEFAKRLLPRFTFTFAVPTSGPPSSSQRDFLSSLPASIDTSFLPEVDLS
DAPSDAQIETLMSLMVVRSLPSLRDLIASYSASGRRVAALVVDLFATDAIDVALELGIRPFIFFPSTAMTLSFFLHLEKL
DETVSCEFAELSDPVQIPGCIPVHGKDLIDPVQDRKNDAYKWLLHHSKRYKLAEGVIVNSFEGLEGGPIRELLHPEPGKP
RVYPVGPLIQAGSCEKGAAARPECLKWLDQQPRGSVLFVNFGSGGVLSTEQQNELAGVLAHSQQRFLWVVRPPNDGIANA
TYFSVDGEIDPLKLLPEGFLEQTAGRGLVLPMWAPQIDVLSHESTGGFLTHCGWNSTLESVFHGVPLITWPLYAEQKMNA
VMLTEGLRVGLRPSVGKDGIIRGAEIARVIGELMEGEEGKRIRSKMQELKRAASAVLSKDGSSTRALEEVAKIWESKV
;
_entity_poly.pdbx_strand_id   A,B
#
loop_
_chem_comp.id
_chem_comp.type
_chem_comp.name
_chem_comp.formula
IOS non-polymer 3-SULFOOXY-1H-INDOLE 'C8 H7 N O4 S'
MG non-polymer 'MAGNESIUM ION' 'Mg 2'
#
# COMPACT_ATOMS: atom_id res chain seq x y z
N THR A 11 -24.04 13.96 -4.53
CA THR A 11 -23.38 12.68 -4.78
C THR A 11 -24.25 11.81 -5.68
N ALA A 12 -23.73 11.46 -6.85
CA ALA A 12 -24.47 10.67 -7.82
C ALA A 12 -24.29 9.18 -7.55
N PRO A 13 -25.23 8.34 -7.97
CA PRO A 13 -25.06 6.90 -7.80
C PRO A 13 -23.98 6.40 -8.74
N PRO A 14 -23.06 5.55 -8.26
CA PRO A 14 -22.02 5.03 -9.13
C PRO A 14 -22.61 4.08 -10.16
N PRO A 15 -22.33 4.29 -11.44
CA PRO A 15 -22.70 3.28 -12.44
C PRO A 15 -21.92 1.99 -12.19
N HIS A 16 -22.48 0.88 -12.67
CA HIS A 16 -21.88 -0.43 -12.47
C HIS A 16 -21.22 -0.91 -13.74
N VAL A 17 -20.08 -1.59 -13.59
CA VAL A 17 -19.29 -2.11 -14.70
C VAL A 17 -19.00 -3.58 -14.45
N ILE A 18 -19.26 -4.42 -15.45
CA ILE A 18 -18.97 -5.84 -15.38
C ILE A 18 -17.67 -6.12 -16.12
N ILE A 19 -16.78 -6.89 -15.51
CA ILE A 19 -15.51 -7.29 -16.11
C ILE A 19 -15.53 -8.79 -16.32
N VAL A 20 -15.26 -9.20 -17.57
CA VAL A 20 -15.17 -10.62 -17.90
C VAL A 20 -13.71 -10.93 -18.22
N PRO A 21 -12.94 -11.51 -17.29
CA PRO A 21 -11.54 -11.78 -17.57
C PRO A 21 -11.35 -13.08 -18.33
N SER A 22 -10.22 -13.15 -19.02
CA SER A 22 -9.73 -14.43 -19.53
C SER A 22 -8.96 -15.15 -18.43
N ALA A 23 -8.87 -16.46 -18.56
CA ALA A 23 -8.29 -17.28 -17.49
C ALA A 23 -6.87 -16.85 -17.18
N GLY A 24 -6.57 -16.71 -15.88
CA GLY A 24 -5.21 -16.47 -15.45
C GLY A 24 -5.04 -15.31 -14.48
N MET A 25 -4.24 -15.53 -13.43
CA MET A 25 -3.88 -14.44 -12.53
C MET A 25 -3.20 -13.31 -13.30
N GLY A 26 -2.40 -13.65 -14.31
CA GLY A 26 -1.75 -12.64 -15.13
C GLY A 26 -2.71 -11.66 -15.77
N HIS A 27 -3.98 -12.05 -15.93
CA HIS A 27 -4.99 -11.16 -16.47
C HIS A 27 -5.78 -10.42 -15.39
N LEU A 28 -5.98 -11.05 -14.23
CA LEU A 28 -6.68 -10.37 -13.14
C LEU A 28 -5.89 -9.18 -12.64
N ILE A 29 -4.56 -9.29 -12.60
CA ILE A 29 -3.72 -8.24 -12.02
C ILE A 29 -3.95 -6.93 -12.75
N PRO A 30 -3.64 -6.80 -14.04
CA PRO A 30 -3.84 -5.52 -14.72
C PRO A 30 -5.29 -5.08 -14.77
N LEU A 31 -6.25 -6.01 -14.74
CA LEU A 31 -7.65 -5.63 -14.76
C LEU A 31 -8.08 -5.02 -13.43
N ALA A 32 -7.53 -5.52 -12.32
CA ALA A 32 -7.82 -4.94 -11.02
C ALA A 32 -7.20 -3.56 -10.87
N GLU A 33 -5.97 -3.38 -11.40
CA GLU A 33 -5.35 -2.06 -11.37
C GLU A 33 -6.15 -1.06 -12.20
N PHE A 34 -6.62 -1.50 -13.37
CA PHE A 34 -7.48 -0.66 -14.19
C PHE A 34 -8.71 -0.22 -13.41
N ALA A 35 -9.39 -1.18 -12.79
CA ALA A 35 -10.60 -0.85 -12.01
C ALA A 35 -10.27 0.06 -10.84
N LYS A 36 -9.18 -0.24 -10.12
CA LYS A 36 -8.83 0.55 -8.95
C LYS A 36 -8.59 2.01 -9.30
N ARG A 37 -8.14 2.29 -10.51
CA ARG A 37 -7.89 3.66 -10.94
C ARG A 37 -9.16 4.38 -11.38
N LEU A 38 -10.30 3.70 -11.41
CA LEU A 38 -11.58 4.32 -11.71
C LEU A 38 -12.50 4.39 -10.50
N LEU A 39 -12.02 4.00 -9.33
CA LEU A 39 -12.80 4.14 -8.11
C LEU A 39 -12.70 5.56 -7.58
N PRO A 40 -13.73 6.05 -6.88
CA PRO A 40 -15.01 5.39 -6.60
C PRO A 40 -16.10 5.74 -7.61
N ARG A 41 -15.71 6.26 -8.77
CA ARG A 41 -16.69 6.70 -9.75
C ARG A 41 -17.60 5.58 -10.21
N PHE A 42 -17.13 4.34 -10.15
CA PHE A 42 -17.92 3.19 -10.55
C PHE A 42 -17.78 2.09 -9.50
N THR A 43 -18.70 1.15 -9.54
CA THR A 43 -18.52 -0.14 -8.88
C THR A 43 -18.27 -1.20 -9.96
N PHE A 44 -17.60 -2.27 -9.57
CA PHE A 44 -17.23 -3.31 -10.52
C PHE A 44 -17.61 -4.68 -9.97
N THR A 45 -17.87 -5.60 -10.89
CA THR A 45 -18.01 -7.01 -10.57
C THR A 45 -17.12 -7.80 -11.53
N PHE A 46 -16.16 -8.54 -10.99
CA PHE A 46 -15.45 -9.54 -11.77
C PHE A 46 -16.37 -10.73 -11.98
N ALA A 47 -16.86 -10.91 -13.20
CA ALA A 47 -17.67 -12.08 -13.54
C ALA A 47 -16.72 -13.10 -14.13
N VAL A 48 -16.30 -14.06 -13.30
CA VAL A 48 -15.16 -14.92 -13.60
C VAL A 48 -15.70 -16.25 -14.12
N PRO A 49 -15.50 -16.58 -15.39
CA PRO A 49 -15.84 -17.94 -15.84
C PRO A 49 -14.94 -18.96 -15.18
N THR A 50 -15.50 -20.13 -14.90
CA THR A 50 -14.76 -21.19 -14.22
C THR A 50 -15.07 -22.53 -14.89
N SER A 51 -14.08 -23.43 -14.84
CA SER A 51 -14.27 -24.82 -15.23
C SER A 51 -14.14 -25.76 -14.04
N GLY A 52 -14.06 -25.22 -12.83
CA GLY A 52 -13.94 -25.98 -11.62
C GLY A 52 -13.98 -25.06 -10.43
N PRO A 53 -13.72 -25.58 -9.24
CA PRO A 53 -13.69 -24.74 -8.04
C PRO A 53 -12.67 -23.62 -8.18
N PRO A 54 -13.04 -22.38 -7.92
CA PRO A 54 -12.04 -21.30 -7.98
C PRO A 54 -10.90 -21.56 -7.01
N SER A 55 -9.68 -21.28 -7.48
CA SER A 55 -8.50 -21.53 -6.67
C SER A 55 -8.45 -20.57 -5.48
N SER A 56 -7.67 -20.98 -4.47
CA SER A 56 -7.46 -20.10 -3.32
C SER A 56 -6.73 -18.84 -3.72
N SER A 57 -5.86 -18.91 -4.73
CA SER A 57 -5.16 -17.72 -5.18
C SER A 57 -6.11 -16.71 -5.82
N GLN A 58 -7.07 -17.19 -6.63
CA GLN A 58 -8.06 -16.30 -7.20
C GLN A 58 -8.91 -15.66 -6.11
N ARG A 59 -9.44 -16.47 -5.19
CA ARG A 59 -10.26 -15.94 -4.11
C ARG A 59 -9.50 -14.92 -3.29
N ASP A 60 -8.28 -15.26 -2.87
CA ASP A 60 -7.50 -14.38 -2.00
C ASP A 60 -7.21 -13.05 -2.69
N PHE A 61 -6.83 -13.10 -3.97
CA PHE A 61 -6.49 -11.85 -4.66
C PHE A 61 -7.73 -10.98 -4.87
N LEU A 62 -8.82 -11.57 -5.38
CA LEU A 62 -10.01 -10.79 -5.67
C LEU A 62 -10.65 -10.27 -4.39
N SER A 63 -10.60 -11.05 -3.31
CA SER A 63 -11.19 -10.61 -2.05
C SER A 63 -10.38 -9.50 -1.39
N SER A 64 -9.11 -9.34 -1.78
CA SER A 64 -8.27 -8.30 -1.20
C SER A 64 -8.50 -6.94 -1.83
N LEU A 65 -9.30 -6.86 -2.89
CA LEU A 65 -9.51 -5.60 -3.59
C LEU A 65 -10.44 -4.70 -2.78
N PRO A 66 -10.50 -3.42 -3.12
CA PRO A 66 -11.42 -2.52 -2.43
C PRO A 66 -12.87 -2.99 -2.55
N ALA A 67 -13.70 -2.50 -1.63
CA ALA A 67 -15.08 -2.98 -1.55
C ALA A 67 -15.85 -2.72 -2.82
N SER A 68 -15.53 -1.64 -3.53
CA SER A 68 -16.26 -1.29 -4.75
C SER A 68 -16.05 -2.29 -5.87
N ILE A 69 -15.12 -3.23 -5.73
CA ILE A 69 -14.88 -4.26 -6.73
C ILE A 69 -15.34 -5.58 -6.11
N ASP A 70 -16.49 -6.07 -6.56
CA ASP A 70 -17.01 -7.34 -6.09
C ASP A 70 -16.60 -8.44 -7.06
N THR A 71 -16.86 -9.69 -6.68
CA THR A 71 -16.53 -10.84 -7.49
C THR A 71 -17.69 -11.83 -7.50
N SER A 72 -18.00 -12.35 -8.68
CA SER A 72 -18.96 -13.44 -8.84
C SER A 72 -18.30 -14.52 -9.68
N PHE A 73 -18.04 -15.67 -9.06
CA PHE A 73 -17.52 -16.83 -9.77
C PHE A 73 -18.68 -17.54 -10.46
N LEU A 74 -18.76 -17.42 -11.78
CA LEU A 74 -19.87 -18.00 -12.52
C LEU A 74 -19.90 -19.52 -12.34
N PRO A 75 -21.07 -20.14 -12.40
CA PRO A 75 -21.14 -21.60 -12.27
C PRO A 75 -20.24 -22.29 -13.28
N GLU A 76 -19.53 -23.31 -12.81
CA GLU A 76 -18.49 -23.93 -13.62
C GLU A 76 -19.08 -24.63 -14.83
N VAL A 77 -18.37 -24.53 -15.95
CA VAL A 77 -18.76 -25.19 -17.19
C VAL A 77 -17.93 -26.46 -17.34
N ASP A 78 -18.37 -27.33 -18.24
CA ASP A 78 -17.74 -28.63 -18.46
C ASP A 78 -16.90 -28.57 -19.73
N LEU A 79 -15.59 -28.74 -19.57
CA LEU A 79 -14.66 -28.73 -20.70
C LEU A 79 -14.02 -30.09 -20.95
N SER A 80 -14.46 -31.13 -20.24
CA SER A 80 -13.88 -32.46 -20.43
C SER A 80 -14.08 -32.98 -21.84
N ASP A 81 -15.00 -32.39 -22.61
CA ASP A 81 -15.23 -32.81 -23.97
C ASP A 81 -14.15 -32.32 -24.93
N ALA A 82 -13.36 -31.33 -24.53
CA ALA A 82 -12.34 -30.80 -25.40
C ALA A 82 -11.15 -31.75 -25.48
N PRO A 83 -10.43 -31.77 -26.61
CA PRO A 83 -9.23 -32.61 -26.70
C PRO A 83 -8.27 -32.32 -25.57
N SER A 84 -7.65 -33.38 -25.03
CA SER A 84 -6.70 -33.19 -23.95
C SER A 84 -5.47 -32.42 -24.38
N ASP A 85 -5.27 -32.24 -25.70
CA ASP A 85 -4.16 -31.45 -26.23
C ASP A 85 -4.61 -30.05 -26.63
N ALA A 86 -5.84 -29.66 -26.32
CA ALA A 86 -6.34 -28.35 -26.70
C ALA A 86 -5.50 -27.25 -26.06
N GLN A 87 -5.13 -26.25 -26.85
CA GLN A 87 -4.34 -25.15 -26.34
C GLN A 87 -5.17 -24.28 -25.41
N ILE A 88 -4.49 -23.37 -24.71
CA ILE A 88 -5.15 -22.60 -23.65
C ILE A 88 -6.13 -21.59 -24.26
N GLU A 89 -5.86 -21.09 -25.46
CA GLU A 89 -6.79 -20.15 -26.09
C GLU A 89 -8.12 -20.83 -26.37
N THR A 90 -8.09 -22.09 -26.80
CA THR A 90 -9.32 -22.82 -27.08
C THR A 90 -10.13 -23.01 -25.81
N LEU A 91 -9.49 -23.51 -24.75
CA LEU A 91 -10.21 -23.73 -23.50
C LEU A 91 -10.76 -22.43 -22.95
N MET A 92 -10.02 -21.33 -23.12
CA MET A 92 -10.49 -20.03 -22.64
C MET A 92 -11.71 -19.57 -23.41
N SER A 93 -11.71 -19.72 -24.73
CA SER A 93 -12.87 -19.33 -25.52
C SER A 93 -14.08 -20.21 -25.19
N LEU A 94 -13.87 -21.52 -25.08
CA LEU A 94 -14.97 -22.40 -24.72
C LEU A 94 -15.55 -22.04 -23.36
N MET A 95 -14.70 -21.63 -22.41
CA MET A 95 -15.18 -21.29 -21.08
C MET A 95 -16.12 -20.10 -21.12
N VAL A 96 -15.78 -19.08 -21.91
CA VAL A 96 -16.62 -17.89 -21.98
C VAL A 96 -17.95 -18.21 -22.66
N VAL A 97 -17.89 -18.80 -23.86
CA VAL A 97 -19.10 -19.08 -24.63
C VAL A 97 -20.11 -19.85 -23.78
N ARG A 98 -19.63 -20.86 -23.04
CA ARG A 98 -20.52 -21.69 -22.25
C ARG A 98 -20.95 -21.04 -20.94
N SER A 99 -20.38 -19.89 -20.60
CA SER A 99 -20.77 -19.15 -19.39
C SER A 99 -21.68 -17.96 -19.70
N LEU A 100 -22.08 -17.77 -20.95
CA LEU A 100 -22.86 -16.60 -21.32
C LEU A 100 -24.23 -16.58 -20.64
N PRO A 101 -24.95 -17.70 -20.59
CA PRO A 101 -26.21 -17.70 -19.83
C PRO A 101 -26.03 -17.23 -18.40
N SER A 102 -24.96 -17.67 -17.74
CA SER A 102 -24.69 -17.22 -16.37
C SER A 102 -24.35 -15.74 -16.34
N LEU A 103 -23.59 -15.26 -17.33
CA LEU A 103 -23.30 -13.84 -17.42
C LEU A 103 -24.59 -13.03 -17.56
N ARG A 104 -25.53 -13.53 -18.36
CA ARG A 104 -26.82 -12.85 -18.51
CA ARG A 104 -26.82 -12.85 -18.52
C ARG A 104 -27.57 -12.79 -17.19
N ASP A 105 -27.59 -13.91 -16.45
CA ASP A 105 -28.28 -13.94 -15.17
C ASP A 105 -27.64 -12.98 -14.17
N LEU A 106 -26.31 -12.84 -14.22
CA LEU A 106 -25.62 -11.92 -13.32
C LEU A 106 -25.98 -10.48 -13.62
N ILE A 107 -25.92 -10.09 -14.91
CA ILE A 107 -26.28 -8.73 -15.28
C ILE A 107 -27.73 -8.45 -14.95
N ALA A 108 -28.59 -9.47 -14.98
CA ALA A 108 -30.00 -9.28 -14.67
C ALA A 108 -30.21 -8.96 -13.20
N SER A 109 -29.42 -9.56 -12.32
CA SER A 109 -29.55 -9.26 -10.90
C SER A 109 -29.28 -7.79 -10.62
N TYR A 110 -28.32 -7.20 -11.32
CA TYR A 110 -27.99 -5.79 -11.13
C TYR A 110 -29.03 -4.90 -11.79
N SER A 111 -29.38 -5.18 -13.05
CA SER A 111 -30.34 -4.34 -13.76
C SER A 111 -31.72 -4.42 -13.10
N ALA A 112 -32.10 -5.59 -12.61
CA ALA A 112 -33.41 -5.73 -11.98
C ALA A 112 -33.52 -4.95 -10.68
N SER A 113 -32.38 -4.72 -10.01
CA SER A 113 -32.39 -3.96 -8.77
C SER A 113 -32.41 -2.45 -9.02
N GLY A 114 -32.31 -2.01 -10.27
CA GLY A 114 -32.33 -0.60 -10.60
C GLY A 114 -30.97 -0.02 -10.94
N ARG A 115 -29.89 -0.77 -10.70
CA ARG A 115 -28.55 -0.28 -11.02
C ARG A 115 -28.41 -0.07 -12.53
N ARG A 116 -27.75 1.02 -12.91
CA ARG A 116 -27.36 1.22 -14.29
C ARG A 116 -26.05 0.48 -14.55
N VAL A 117 -26.06 -0.44 -15.51
CA VAL A 117 -24.86 -1.14 -15.94
C VAL A 117 -24.29 -0.38 -17.12
N ALA A 118 -23.20 0.35 -16.90
CA ALA A 118 -22.69 1.29 -17.89
C ALA A 118 -21.75 0.66 -18.92
N ALA A 119 -21.03 -0.40 -18.59
CA ALA A 119 -20.09 -0.97 -19.53
C ALA A 119 -19.83 -2.43 -19.20
N LEU A 120 -19.46 -3.19 -20.24
CA LEU A 120 -18.98 -4.56 -20.10
C LEU A 120 -17.55 -4.57 -20.63
N VAL A 121 -16.59 -4.84 -19.75
CA VAL A 121 -15.18 -4.91 -20.12
C VAL A 121 -14.81 -6.37 -20.24
N VAL A 122 -14.41 -6.79 -21.44
CA VAL A 122 -14.06 -8.17 -21.72
C VAL A 122 -12.57 -8.26 -22.04
N ASP A 123 -11.95 -9.34 -21.58
CA ASP A 123 -10.54 -9.59 -21.87
C ASP A 123 -10.36 -9.93 -23.35
N LEU A 124 -9.11 -10.18 -23.75
CA LEU A 124 -8.80 -10.25 -25.18
C LEU A 124 -9.37 -11.49 -25.86
N PHE A 125 -9.64 -12.57 -25.13
CA PHE A 125 -10.23 -13.77 -25.70
C PHE A 125 -11.66 -14.00 -25.22
N ALA A 126 -12.34 -12.95 -24.76
CA ALA A 126 -13.70 -13.06 -24.25
C ALA A 126 -14.69 -12.25 -25.10
N THR A 127 -14.39 -12.09 -26.39
CA THR A 127 -15.21 -11.24 -27.25
C THR A 127 -16.61 -11.80 -27.44
N ASP A 128 -16.84 -13.08 -27.16
CA ASP A 128 -18.17 -13.64 -27.33
C ASP A 128 -19.17 -13.05 -26.35
N ALA A 129 -18.70 -12.50 -25.24
CA ALA A 129 -19.57 -11.79 -24.30
C ALA A 129 -20.01 -10.43 -24.82
N ILE A 130 -19.38 -9.92 -25.88
CA ILE A 130 -19.81 -8.66 -26.46
C ILE A 130 -21.24 -8.75 -26.98
N ASP A 131 -21.65 -9.93 -27.46
CA ASP A 131 -23.02 -10.08 -27.93
C ASP A 131 -24.03 -9.79 -26.83
N VAL A 132 -23.76 -10.27 -25.61
CA VAL A 132 -24.63 -9.97 -24.48
C VAL A 132 -24.74 -8.47 -24.28
N ALA A 133 -23.60 -7.77 -24.28
CA ALA A 133 -23.61 -6.34 -24.06
C ALA A 133 -24.44 -5.61 -25.12
N LEU A 134 -24.27 -5.98 -26.38
CA LEU A 134 -25.01 -5.32 -27.44
C LEU A 134 -26.51 -5.53 -27.30
N GLU A 135 -26.93 -6.75 -26.92
CA GLU A 135 -28.35 -7.02 -26.76
C GLU A 135 -28.96 -6.22 -25.61
N LEU A 136 -28.17 -5.90 -24.59
CA LEU A 136 -28.68 -5.25 -23.39
C LEU A 136 -28.40 -3.76 -23.35
N GLY A 137 -27.96 -3.17 -24.46
CA GLY A 137 -27.66 -1.75 -24.48
C GLY A 137 -26.49 -1.34 -23.59
N ILE A 138 -25.53 -2.24 -23.37
CA ILE A 138 -24.38 -1.97 -22.53
C ILE A 138 -23.17 -1.73 -23.42
N ARG A 139 -22.40 -0.70 -23.11
CA ARG A 139 -21.23 -0.35 -23.92
C ARG A 139 -20.17 -1.44 -23.83
N PRO A 140 -19.83 -2.12 -24.93
CA PRO A 140 -18.78 -3.15 -24.85
C PRO A 140 -17.39 -2.57 -25.04
N PHE A 141 -16.48 -2.91 -24.13
CA PHE A 141 -15.08 -2.53 -24.24
C PHE A 141 -14.21 -3.78 -24.12
N ILE A 142 -13.11 -3.79 -24.85
CA ILE A 142 -12.12 -4.86 -24.75
C ILE A 142 -10.92 -4.34 -23.99
N PHE A 143 -10.48 -5.09 -22.99
CA PHE A 143 -9.24 -4.80 -22.28
C PHE A 143 -8.14 -5.72 -22.82
N PHE A 144 -7.04 -5.13 -23.24
CA PHE A 144 -5.96 -5.85 -23.90
C PHE A 144 -4.74 -5.84 -23.00
N PRO A 145 -4.44 -6.91 -22.28
CA PRO A 145 -3.36 -6.86 -21.29
C PRO A 145 -1.98 -7.12 -21.88
N SER A 146 -1.83 -6.95 -23.20
CA SER A 146 -0.54 -7.18 -23.84
C SER A 146 -0.08 -5.94 -24.60
N THR A 147 0.88 -6.12 -25.51
CA THR A 147 1.49 -4.98 -26.18
C THR A 147 0.59 -4.40 -27.26
N ALA A 148 0.81 -3.11 -27.55
CA ALA A 148 0.18 -2.50 -28.71
C ALA A 148 0.61 -3.19 -29.99
N MET A 149 1.85 -3.69 -30.03
CA MET A 149 2.32 -4.46 -31.17
C MET A 149 1.46 -5.71 -31.37
N THR A 150 1.15 -6.42 -30.28
CA THR A 150 0.31 -7.61 -30.38
C THR A 150 -1.12 -7.25 -30.75
N LEU A 151 -1.62 -6.10 -30.27
CA LEU A 151 -2.95 -5.66 -30.67
C LEU A 151 -3.01 -5.38 -32.16
N SER A 152 -1.96 -4.75 -32.70
CA SER A 152 -1.90 -4.52 -34.14
C SER A 152 -1.89 -5.83 -34.91
N PHE A 153 -1.17 -6.83 -34.39
CA PHE A 153 -1.17 -8.13 -35.03
C PHE A 153 -2.58 -8.72 -35.08
N PHE A 154 -3.30 -8.63 -33.96
CA PHE A 154 -4.68 -9.10 -33.93
C PHE A 154 -5.51 -8.42 -35.01
N LEU A 155 -5.48 -7.09 -35.06
CA LEU A 155 -6.31 -6.36 -36.02
C LEU A 155 -5.89 -6.66 -37.46
N HIS A 156 -4.63 -7.04 -37.67
CA HIS A 156 -4.13 -7.33 -39.00
C HIS A 156 -4.22 -8.80 -39.36
N LEU A 157 -4.60 -9.67 -38.42
CA LEU A 157 -4.56 -11.11 -38.65
C LEU A 157 -5.47 -11.51 -39.79
N GLU A 158 -6.64 -10.89 -39.90
CA GLU A 158 -7.56 -11.23 -40.98
C GLU A 158 -6.90 -11.04 -42.35
N LYS A 159 -6.29 -9.87 -42.56
CA LYS A 159 -5.59 -9.62 -43.80
C LYS A 159 -4.42 -10.58 -43.99
N LEU A 160 -3.64 -10.80 -42.93
CA LEU A 160 -2.52 -11.72 -43.01
C LEU A 160 -2.99 -13.13 -43.34
N ASP A 161 -4.10 -13.56 -42.73
CA ASP A 161 -4.62 -14.90 -42.98
C ASP A 161 -5.01 -15.08 -44.45
N GLU A 162 -5.57 -14.03 -45.07
CA GLU A 162 -6.03 -14.11 -46.44
C GLU A 162 -4.92 -13.90 -47.46
N THR A 163 -3.76 -13.39 -47.04
CA THR A 163 -2.64 -13.15 -47.95
C THR A 163 -1.53 -14.17 -47.81
N VAL A 164 -1.59 -15.04 -46.80
CA VAL A 164 -0.56 -16.04 -46.56
C VAL A 164 -1.24 -17.39 -46.37
N SER A 165 -0.81 -18.39 -47.12
CA SER A 165 -1.40 -19.73 -47.06
C SER A 165 -0.59 -20.71 -46.24
N CYS A 166 0.74 -20.61 -46.27
CA CYS A 166 1.60 -21.54 -45.56
C CYS A 166 1.63 -21.22 -44.06
N GLU A 167 2.18 -22.16 -43.29
CA GLU A 167 2.43 -21.90 -41.89
C GLU A 167 3.46 -20.78 -41.76
N PHE A 168 3.20 -19.87 -40.82
CA PHE A 168 3.97 -18.62 -40.78
C PHE A 168 5.46 -18.87 -40.58
N ALA A 169 5.82 -19.89 -39.80
CA ALA A 169 7.23 -20.18 -39.57
C ALA A 169 7.94 -20.63 -40.85
N GLU A 170 7.20 -20.92 -41.92
CA GLU A 170 7.81 -21.27 -43.19
C GLU A 170 8.19 -20.05 -44.01
N LEU A 171 7.63 -18.89 -43.71
CA LEU A 171 7.95 -17.68 -44.45
C LEU A 171 9.45 -17.41 -44.40
N SER A 172 9.99 -16.91 -45.51
CA SER A 172 11.39 -16.49 -45.55
C SER A 172 11.55 -15.05 -45.08
N ASP A 173 10.72 -14.14 -45.60
CA ASP A 173 10.76 -12.75 -45.18
C ASP A 173 10.00 -12.56 -43.88
N PRO A 174 10.40 -11.61 -43.04
CA PRO A 174 9.68 -11.35 -41.80
C PRO A 174 8.30 -10.75 -42.07
N VAL A 175 7.37 -11.03 -41.16
CA VAL A 175 6.01 -10.53 -41.28
C VAL A 175 5.99 -9.06 -40.88
N GLN A 176 5.34 -8.24 -41.71
CA GLN A 176 5.23 -6.81 -41.46
C GLN A 176 3.83 -6.50 -40.93
N ILE A 177 3.77 -5.91 -39.74
CA ILE A 177 2.51 -5.50 -39.13
C ILE A 177 2.45 -3.97 -39.19
N PRO A 178 1.31 -3.36 -39.54
CA PRO A 178 1.27 -1.89 -39.63
C PRO A 178 1.78 -1.21 -38.38
N GLY A 179 2.82 -0.38 -38.55
CA GLY A 179 3.38 0.40 -37.46
C GLY A 179 4.35 -0.35 -36.56
N CYS A 180 4.68 -1.60 -36.88
CA CYS A 180 5.52 -2.43 -36.03
C CYS A 180 6.83 -2.78 -36.72
N ILE A 181 7.80 -3.16 -35.90
CA ILE A 181 9.07 -3.72 -36.38
C ILE A 181 8.75 -5.07 -37.03
N PRO A 182 9.47 -5.48 -38.08
CA PRO A 182 9.21 -6.80 -38.66
C PRO A 182 9.49 -7.91 -37.67
N VAL A 183 8.78 -9.03 -37.83
CA VAL A 183 8.95 -10.21 -36.99
C VAL A 183 8.93 -11.44 -37.89
N HIS A 184 9.87 -12.35 -37.68
CA HIS A 184 9.88 -13.61 -38.42
C HIS A 184 8.73 -14.49 -37.94
N GLY A 185 8.15 -15.25 -38.89
CA GLY A 185 7.01 -16.08 -38.56
C GLY A 185 7.24 -16.98 -37.37
N LYS A 186 8.48 -17.43 -37.16
CA LYS A 186 8.78 -18.33 -36.06
C LYS A 186 8.63 -17.66 -34.70
N ASP A 187 8.59 -16.32 -34.65
CA ASP A 187 8.44 -15.58 -33.41
C ASP A 187 7.03 -15.05 -33.20
N LEU A 188 6.09 -15.37 -34.09
CA LEU A 188 4.71 -14.94 -33.89
C LEU A 188 4.07 -15.73 -32.76
N ILE A 189 3.00 -15.16 -32.20
CA ILE A 189 2.39 -15.68 -30.98
C ILE A 189 2.10 -17.16 -31.14
N ASP A 190 2.17 -17.91 -30.04
CA ASP A 190 2.04 -19.36 -30.06
C ASP A 190 0.83 -19.86 -30.85
N PRO A 191 -0.39 -19.34 -30.64
CA PRO A 191 -1.57 -19.95 -31.27
C PRO A 191 -1.66 -19.78 -32.78
N VAL A 192 -0.74 -19.06 -33.43
CA VAL A 192 -0.72 -19.01 -34.89
C VAL A 192 0.34 -19.92 -35.48
N GLN A 193 1.04 -20.70 -34.66
CA GLN A 193 2.08 -21.59 -35.16
C GLN A 193 1.52 -22.89 -35.73
N ASP A 194 0.22 -23.14 -35.58
CA ASP A 194 -0.42 -24.34 -36.14
C ASP A 194 -1.80 -23.90 -36.62
N ARG A 195 -1.88 -23.48 -37.89
CA ARG A 195 -3.10 -22.89 -38.42
C ARG A 195 -4.24 -23.89 -38.51
N LYS A 196 -3.95 -25.19 -38.44
CA LYS A 196 -5.01 -26.20 -38.44
C LYS A 196 -5.64 -26.37 -37.07
N ASN A 197 -5.00 -25.87 -36.02
CA ASN A 197 -5.47 -26.07 -34.66
C ASN A 197 -6.63 -25.14 -34.35
N ASP A 198 -7.53 -25.61 -33.49
CA ASP A 198 -8.65 -24.78 -33.04
C ASP A 198 -8.18 -23.47 -32.44
N ALA A 199 -6.97 -23.45 -31.86
CA ALA A 199 -6.46 -22.23 -31.24
C ALA A 199 -6.34 -21.11 -32.25
N TYR A 200 -5.91 -21.43 -33.47
CA TYR A 200 -5.80 -20.39 -34.51
C TYR A 200 -7.17 -19.93 -34.97
N LYS A 201 -8.12 -20.86 -35.12
CA LYS A 201 -9.46 -20.48 -35.51
C LYS A 201 -10.11 -19.57 -34.48
N TRP A 202 -9.93 -19.89 -33.19
CA TRP A 202 -10.48 -19.04 -32.14
C TRP A 202 -9.82 -17.66 -32.16
N LEU A 203 -8.50 -17.61 -32.32
CA LEU A 203 -7.81 -16.33 -32.42
C LEU A 203 -8.33 -15.51 -33.58
N LEU A 204 -8.47 -16.14 -34.75
CA LEU A 204 -9.08 -15.46 -35.90
C LEU A 204 -10.48 -14.96 -35.55
N HIS A 205 -11.27 -15.82 -34.89
CA HIS A 205 -12.63 -15.45 -34.51
C HIS A 205 -12.65 -14.18 -33.68
N HIS A 206 -11.83 -14.12 -32.63
CA HIS A 206 -11.84 -12.97 -31.72
C HIS A 206 -11.30 -11.72 -32.42
N SER A 207 -10.26 -11.87 -33.25
CA SER A 207 -9.65 -10.70 -33.87
C SER A 207 -10.62 -9.98 -34.78
N LYS A 208 -11.54 -10.70 -35.43
CA LYS A 208 -12.52 -10.07 -36.29
C LYS A 208 -13.63 -9.36 -35.52
N ARG A 209 -13.72 -9.59 -34.21
CA ARG A 209 -14.79 -9.05 -33.38
C ARG A 209 -14.36 -7.82 -32.59
N TYR A 210 -13.09 -7.42 -32.67
CA TYR A 210 -12.65 -6.23 -31.94
C TYR A 210 -13.36 -4.98 -32.44
N LYS A 211 -13.80 -4.98 -33.69
CA LYS A 211 -14.54 -3.84 -34.23
C LYS A 211 -15.94 -3.71 -33.65
N LEU A 212 -16.41 -4.72 -32.93
CA LEU A 212 -17.71 -4.66 -32.26
C LEU A 212 -17.67 -3.84 -30.98
N ALA A 213 -16.48 -3.57 -30.44
CA ALA A 213 -16.34 -2.82 -29.20
C ALA A 213 -16.28 -1.33 -29.49
N GLU A 214 -16.79 -0.54 -28.55
CA GLU A 214 -16.69 0.91 -28.64
C GLU A 214 -15.27 1.41 -28.38
N GLY A 215 -14.41 0.56 -27.83
CA GLY A 215 -13.03 0.94 -27.59
C GLY A 215 -12.20 -0.22 -27.08
N VAL A 216 -10.93 -0.25 -27.43
CA VAL A 216 -9.97 -1.20 -26.87
C VAL A 216 -9.08 -0.46 -25.88
N ILE A 217 -9.01 -0.97 -24.66
CA ILE A 217 -8.16 -0.42 -23.61
C ILE A 217 -6.91 -1.28 -23.57
N VAL A 218 -5.76 -0.70 -23.92
CA VAL A 218 -4.51 -1.44 -24.07
C VAL A 218 -3.55 -0.99 -22.98
N ASN A 219 -2.88 -1.96 -22.35
CA ASN A 219 -1.97 -1.69 -21.25
C ASN A 219 -0.57 -1.39 -21.79
N SER A 220 -0.48 -0.28 -22.51
CA SER A 220 0.77 0.24 -23.02
C SER A 220 0.64 1.75 -23.17
N PHE A 221 1.73 2.40 -23.56
CA PHE A 221 1.73 3.84 -23.74
C PHE A 221 2.70 4.21 -24.86
N GLU A 222 2.50 5.42 -25.40
CA GLU A 222 3.18 5.81 -26.63
C GLU A 222 4.70 5.89 -26.44
N GLY A 223 5.16 6.29 -25.25
CA GLY A 223 6.60 6.36 -25.01
C GLY A 223 7.30 5.03 -25.12
N LEU A 224 6.57 3.93 -24.97
CA LEU A 224 7.12 2.59 -25.04
C LEU A 224 6.92 1.93 -26.40
N GLU A 225 5.81 2.23 -27.07
CA GLU A 225 5.47 1.65 -28.37
C GLU A 225 4.94 2.77 -29.27
N GLY A 226 5.82 3.68 -29.67
CA GLY A 226 5.40 4.81 -30.49
C GLY A 226 4.79 4.38 -31.80
N GLY A 227 5.50 3.55 -32.55
CA GLY A 227 5.05 3.08 -33.84
C GLY A 227 3.66 2.48 -33.79
N PRO A 228 3.51 1.40 -33.02
CA PRO A 228 2.18 0.76 -32.95
C PRO A 228 1.08 1.66 -32.41
N ILE A 229 1.38 2.46 -31.39
CA ILE A 229 0.34 3.29 -30.77
C ILE A 229 -0.19 4.32 -31.76
N ARG A 230 0.72 5.02 -32.44
CA ARG A 230 0.29 6.07 -33.37
C ARG A 230 -0.47 5.49 -34.56
N GLU A 231 -0.08 4.29 -35.02
CA GLU A 231 -0.85 3.63 -36.05
C GLU A 231 -2.24 3.27 -35.55
N LEU A 232 -2.33 2.73 -34.33
CA LEU A 232 -3.62 2.32 -33.78
C LEU A 232 -4.55 3.52 -33.58
N LEU A 233 -4.00 4.66 -33.15
CA LEU A 233 -4.82 5.83 -32.90
C LEU A 233 -5.35 6.46 -34.18
N HIS A 234 -4.77 6.14 -35.33
CA HIS A 234 -5.22 6.72 -36.59
C HIS A 234 -6.60 6.19 -36.95
N PRO A 235 -7.64 7.03 -37.02
CA PRO A 235 -8.98 6.51 -37.32
C PRO A 235 -9.04 5.83 -38.67
N GLU A 236 -9.73 4.70 -38.72
CA GLU A 236 -9.97 3.97 -39.96
C GLU A 236 -11.31 3.25 -39.84
N PRO A 237 -12.01 3.03 -40.94
CA PRO A 237 -13.29 2.31 -40.86
C PRO A 237 -13.07 0.84 -40.57
N GLY A 238 -13.91 0.30 -39.68
CA GLY A 238 -13.77 -1.07 -39.25
C GLY A 238 -12.73 -1.28 -38.17
N LYS A 239 -12.10 -0.23 -37.68
CA LYS A 239 -11.09 -0.32 -36.63
C LYS A 239 -11.60 0.35 -35.37
N PRO A 240 -11.51 -0.29 -34.21
CA PRO A 240 -12.05 0.33 -32.99
C PRO A 240 -11.13 1.42 -32.44
N ARG A 241 -11.73 2.36 -31.72
CA ARG A 241 -10.95 3.33 -30.98
C ARG A 241 -10.08 2.64 -29.94
N VAL A 242 -8.92 3.22 -29.68
CA VAL A 242 -7.93 2.62 -28.78
C VAL A 242 -7.59 3.62 -27.68
N TYR A 243 -7.38 3.10 -26.46
CA TYR A 243 -7.12 3.93 -25.29
C TYR A 243 -5.89 3.40 -24.57
N PRO A 244 -4.71 3.94 -24.86
CA PRO A 244 -3.51 3.53 -24.11
C PRO A 244 -3.54 4.07 -22.70
N VAL A 245 -3.57 3.16 -21.72
CA VAL A 245 -3.67 3.51 -20.31
C VAL A 245 -2.51 2.96 -19.48
N GLY A 246 -1.52 2.34 -20.11
CA GLY A 246 -0.43 1.74 -19.36
C GLY A 246 0.58 2.76 -18.90
N PRO A 247 1.53 2.32 -18.05
CA PRO A 247 1.68 0.96 -17.53
C PRO A 247 0.91 0.72 -16.23
N LEU A 248 -0.07 -0.18 -16.28
CA LEU A 248 -0.83 -0.56 -15.10
C LEU A 248 -0.14 -1.75 -14.43
N ILE A 249 0.39 -1.52 -13.23
CA ILE A 249 1.11 -2.56 -12.50
C ILE A 249 0.82 -2.41 -11.01
N GLN A 250 1.04 -3.49 -10.27
CA GLN A 250 0.94 -3.45 -8.82
C GLN A 250 2.03 -2.55 -8.24
N ALA A 251 1.95 -2.33 -6.94
CA ALA A 251 2.91 -1.50 -6.23
C ALA A 251 3.75 -2.35 -5.28
N GLY A 252 4.75 -1.71 -4.68
CA GLY A 252 5.64 -2.38 -3.75
C GLY A 252 5.01 -2.56 -2.39
N SER A 253 5.82 -3.09 -1.47
CA SER A 253 5.38 -3.38 -0.11
C SER A 253 5.78 -2.29 0.88
N CYS A 254 6.28 -1.15 0.41
CA CYS A 254 6.65 -0.04 1.29
C CYS A 254 5.43 0.66 1.88
N GLU A 255 4.22 0.16 1.64
CA GLU A 255 3.00 0.78 2.12
C GLU A 255 2.40 0.04 3.31
N LYS A 256 2.97 -1.09 3.72
CA LYS A 256 2.46 -1.87 4.83
C LYS A 256 3.31 -1.66 6.08
N GLY A 257 4.50 -2.24 6.09
CA GLY A 257 5.39 -2.12 7.23
C GLY A 257 6.34 -3.29 7.36
N ALA A 260 13.03 -2.71 2.62
CA ALA A 260 14.01 -3.75 2.30
C ALA A 260 14.29 -4.63 3.52
N ARG A 261 13.22 -5.04 4.21
CA ARG A 261 13.34 -5.87 5.40
C ARG A 261 13.06 -7.35 5.13
N PRO A 262 12.36 -7.71 4.05
CA PRO A 262 12.32 -9.13 3.67
C PRO A 262 13.71 -9.70 3.51
N GLU A 263 13.82 -11.02 3.66
CA GLU A 263 15.12 -11.68 3.69
C GLU A 263 15.95 -11.34 2.46
N CYS A 264 15.40 -11.58 1.26
CA CYS A 264 16.17 -11.38 0.05
C CYS A 264 16.52 -9.91 -0.17
N LEU A 265 15.71 -9.00 0.36
CA LEU A 265 16.00 -7.57 0.19
C LEU A 265 17.12 -7.12 1.12
N LYS A 266 17.27 -7.78 2.28
CA LYS A 266 18.41 -7.51 3.13
C LYS A 266 19.71 -7.81 2.40
N TRP A 267 19.74 -8.91 1.65
CA TRP A 267 20.92 -9.24 0.86
C TRP A 267 21.19 -8.17 -0.19
N LEU A 268 20.15 -7.66 -0.83
CA LEU A 268 20.33 -6.64 -1.87
C LEU A 268 20.88 -5.34 -1.27
N ASP A 269 20.49 -5.00 -0.04
CA ASP A 269 20.99 -3.78 0.58
C ASP A 269 22.51 -3.79 0.68
N GLN A 270 23.11 -4.96 0.90
CA GLN A 270 24.55 -5.06 1.06
C GLN A 270 25.29 -4.97 -0.26
N GLN A 271 24.67 -5.40 -1.36
CA GLN A 271 25.36 -5.46 -2.63
C GLN A 271 25.53 -4.06 -3.22
N PRO A 272 26.48 -3.88 -4.14
CA PRO A 272 26.68 -2.57 -4.75
C PRO A 272 25.50 -2.17 -5.63
N ARG A 273 25.51 -0.89 -6.00
CA ARG A 273 24.42 -0.33 -6.79
C ARG A 273 24.34 -0.96 -8.17
N GLY A 274 23.13 -1.36 -8.56
CA GLY A 274 22.90 -1.87 -9.91
C GLY A 274 23.82 -3.01 -10.31
N SER A 275 24.12 -3.90 -9.37
CA SER A 275 25.12 -4.94 -9.59
C SER A 275 24.55 -6.36 -9.63
N VAL A 276 23.27 -6.55 -9.34
CA VAL A 276 22.70 -7.87 -9.18
C VAL A 276 21.78 -8.17 -10.36
N LEU A 277 21.90 -9.38 -10.91
CA LEU A 277 21.01 -9.87 -11.95
C LEU A 277 19.88 -10.66 -11.30
N PHE A 278 18.64 -10.22 -11.52
CA PHE A 278 17.48 -10.95 -11.03
C PHE A 278 16.99 -11.92 -12.09
N VAL A 279 16.89 -13.19 -11.73
CA VAL A 279 16.43 -14.24 -12.63
C VAL A 279 15.08 -14.73 -12.14
N ASN A 280 14.07 -14.67 -13.02
CA ASN A 280 12.74 -15.13 -12.68
C ASN A 280 11.90 -15.30 -13.95
N PHE A 281 11.56 -16.54 -14.28
CA PHE A 281 10.73 -16.84 -15.44
C PHE A 281 9.24 -16.84 -15.11
N GLY A 282 8.88 -16.54 -13.88
CA GLY A 282 7.49 -16.49 -13.48
C GLY A 282 6.90 -17.89 -13.31
N SER A 283 5.80 -17.94 -12.55
CA SER A 283 5.08 -19.19 -12.37
C SER A 283 4.68 -19.76 -13.73
N GLY A 284 4.79 -21.07 -13.87
CA GLY A 284 4.61 -21.68 -15.17
C GLY A 284 5.76 -21.49 -16.13
N GLY A 285 6.79 -20.73 -15.74
CA GLY A 285 7.97 -20.59 -16.56
C GLY A 285 9.01 -21.64 -16.20
N VAL A 286 8.63 -22.90 -16.32
CA VAL A 286 9.48 -24.01 -15.91
C VAL A 286 10.46 -24.32 -17.03
N LEU A 287 11.67 -24.74 -16.64
CA LEU A 287 12.70 -25.15 -17.58
C LEU A 287 12.86 -26.67 -17.50
N SER A 288 13.42 -27.24 -18.57
CA SER A 288 13.82 -28.63 -18.52
C SER A 288 15.08 -28.78 -17.68
N THR A 289 15.34 -30.01 -17.23
CA THR A 289 16.53 -30.27 -16.44
C THR A 289 17.79 -29.85 -17.21
N GLU A 290 17.86 -30.21 -18.49
CA GLU A 290 19.01 -29.83 -19.30
C GLU A 290 19.16 -28.31 -19.36
N GLN A 291 18.05 -27.60 -19.55
CA GLN A 291 18.11 -26.15 -19.69
C GLN A 291 18.51 -25.49 -18.38
N GLN A 292 17.99 -25.96 -17.26
CA GLN A 292 18.35 -25.37 -15.97
C GLN A 292 19.81 -25.62 -15.63
N ASN A 293 20.36 -26.77 -16.03
CA ASN A 293 21.77 -27.04 -15.76
C ASN A 293 22.68 -26.10 -16.55
N GLU A 294 22.30 -25.79 -17.80
CA GLU A 294 23.08 -24.83 -18.59
C GLU A 294 23.13 -23.47 -17.90
N LEU A 295 21.99 -23.03 -17.36
CA LEU A 295 21.93 -21.74 -16.67
C LEU A 295 22.72 -21.77 -15.36
N ALA A 296 22.60 -22.87 -14.61
CA ALA A 296 23.28 -22.96 -13.32
C ALA A 296 24.80 -23.01 -13.49
N GLY A 297 25.27 -23.68 -14.55
CA GLY A 297 26.70 -23.77 -14.77
C GLY A 297 27.34 -22.44 -15.11
N VAL A 298 26.61 -21.56 -15.80
CA VAL A 298 27.12 -20.24 -16.13
C VAL A 298 27.19 -19.37 -14.88
N LEU A 299 26.12 -19.39 -14.08
CA LEU A 299 26.12 -18.60 -12.85
C LEU A 299 27.16 -19.10 -11.85
N ALA A 300 27.46 -20.41 -11.89
CA ALA A 300 28.43 -20.97 -10.97
C ALA A 300 29.84 -20.48 -11.27
N HIS A 301 30.17 -20.31 -12.54
CA HIS A 301 31.51 -19.88 -12.95
C HIS A 301 31.60 -18.38 -13.22
N SER A 302 30.50 -17.65 -13.07
CA SER A 302 30.50 -16.21 -13.30
C SER A 302 31.00 -15.49 -12.05
N GLN A 303 31.37 -14.22 -12.25
CA GLN A 303 31.60 -13.30 -11.15
C GLN A 303 30.43 -12.33 -10.99
N GLN A 304 29.31 -12.60 -11.64
CA GLN A 304 28.14 -11.75 -11.58
C GLN A 304 27.30 -12.12 -10.36
N ARG A 305 26.94 -11.11 -9.57
CA ARG A 305 25.97 -11.32 -8.49
C ARG A 305 24.59 -11.56 -9.09
N PHE A 306 23.87 -12.54 -8.54
CA PHE A 306 22.56 -12.89 -9.08
C PHE A 306 21.59 -13.20 -7.94
N LEU A 307 20.31 -13.04 -8.25
CA LEU A 307 19.21 -13.41 -7.38
C LEU A 307 18.25 -14.22 -8.23
N TRP A 308 18.19 -15.54 -7.98
CA TRP A 308 17.57 -16.49 -8.90
C TRP A 308 16.40 -17.19 -8.23
N VAL A 309 15.22 -17.04 -8.82
CA VAL A 309 14.03 -17.78 -8.40
C VAL A 309 14.02 -19.10 -9.16
N VAL A 310 14.07 -20.21 -8.44
CA VAL A 310 14.25 -21.54 -9.03
C VAL A 310 12.97 -22.34 -8.84
N ARG A 311 12.64 -23.15 -9.84
CA ARG A 311 11.48 -24.03 -9.81
C ARG A 311 11.88 -25.42 -10.31
N PRO A 312 11.24 -26.46 -9.79
CA PRO A 312 11.65 -27.83 -10.16
C PRO A 312 11.49 -28.08 -11.64
N PRO A 313 12.53 -28.57 -12.33
CA PRO A 313 12.41 -28.81 -13.76
C PRO A 313 11.37 -29.88 -14.08
N ASN A 314 10.85 -29.80 -15.31
CA ASN A 314 9.92 -30.79 -15.82
C ASN A 314 10.61 -32.04 -16.38
N ASP A 315 11.94 -32.12 -16.26
CA ASP A 315 12.69 -33.26 -16.78
C ASP A 315 12.57 -33.34 -18.30
N TYR A 322 14.96 -33.68 -0.43
CA TYR A 322 14.16 -33.86 -1.65
C TYR A 322 12.97 -32.91 -1.64
N PHE A 323 12.35 -32.76 -0.47
CA PHE A 323 11.16 -31.95 -0.29
C PHE A 323 11.43 -30.84 0.72
N SER A 324 10.50 -29.90 0.80
CA SER A 324 10.65 -28.74 1.67
C SER A 324 9.82 -28.91 2.94
N VAL A 325 9.38 -27.80 3.53
CA VAL A 325 8.66 -27.86 4.80
C VAL A 325 7.15 -28.00 4.60
N ASP A 326 6.61 -27.47 3.50
CA ASP A 326 5.17 -27.53 3.25
C ASP A 326 4.76 -28.80 2.51
N GLY A 327 5.58 -29.26 1.58
CA GLY A 327 5.26 -30.47 0.84
C GLY A 327 5.73 -30.43 -0.61
N GLU A 328 6.00 -29.23 -1.12
CA GLU A 328 6.44 -29.10 -2.50
C GLU A 328 7.88 -29.57 -2.65
N ILE A 329 8.21 -30.07 -3.84
CA ILE A 329 9.58 -30.51 -4.10
C ILE A 329 10.53 -29.34 -3.88
N ASP A 330 11.72 -29.65 -3.36
CA ASP A 330 12.70 -28.61 -3.09
C ASP A 330 13.60 -28.43 -4.30
N PRO A 331 13.40 -27.36 -5.09
CA PRO A 331 14.19 -27.24 -6.33
C PRO A 331 15.67 -27.03 -6.11
N LEU A 332 16.07 -26.34 -5.03
CA LEU A 332 17.49 -26.05 -4.83
C LEU A 332 18.28 -27.28 -4.41
N LYS A 333 17.63 -28.41 -4.16
CA LYS A 333 18.32 -29.69 -4.04
C LYS A 333 18.45 -30.41 -5.36
N LEU A 334 17.75 -29.93 -6.40
CA LEU A 334 17.90 -30.46 -7.75
C LEU A 334 18.97 -29.73 -8.54
N LEU A 335 19.62 -28.72 -7.95
CA LEU A 335 20.70 -28.00 -8.61
C LEU A 335 21.96 -28.85 -8.63
N PRO A 336 22.86 -28.61 -9.59
CA PRO A 336 24.00 -29.51 -9.77
C PRO A 336 24.92 -29.54 -8.55
N GLU A 337 25.91 -30.43 -8.64
CA GLU A 337 26.83 -30.72 -7.55
C GLU A 337 27.42 -29.44 -6.98
N GLY A 338 27.19 -29.20 -5.69
CA GLY A 338 27.80 -28.10 -4.98
C GLY A 338 27.64 -26.75 -5.64
N PHE A 339 26.56 -26.56 -6.40
CA PHE A 339 26.28 -25.25 -6.97
C PHE A 339 26.24 -24.18 -5.89
N LEU A 340 25.56 -24.47 -4.78
CA LEU A 340 25.44 -23.51 -3.68
C LEU A 340 26.79 -23.22 -3.03
N GLU A 341 27.78 -24.10 -3.23
CA GLU A 341 29.11 -23.84 -2.72
C GLU A 341 29.86 -22.84 -3.59
N GLN A 342 29.72 -22.97 -4.91
CA GLN A 342 30.44 -22.09 -5.84
C GLN A 342 29.88 -20.67 -5.86
N THR A 343 28.66 -20.46 -5.35
CA THR A 343 27.98 -19.17 -5.42
C THR A 343 27.67 -18.57 -4.05
N ALA A 344 28.19 -19.15 -2.96
CA ALA A 344 27.64 -18.90 -1.62
C ALA A 344 27.47 -17.42 -1.34
N GLY A 345 28.52 -16.63 -1.56
CA GLY A 345 28.49 -15.22 -1.21
C GLY A 345 28.09 -14.28 -2.32
N ARG A 346 28.09 -14.77 -3.56
CA ARG A 346 27.87 -13.94 -4.74
C ARG A 346 26.43 -13.98 -5.25
N GLY A 347 25.75 -15.12 -5.10
CA GLY A 347 24.40 -15.26 -5.60
C GLY A 347 23.47 -15.81 -4.53
N LEU A 348 22.18 -15.53 -4.72
CA LEU A 348 21.14 -15.95 -3.80
C LEU A 348 20.05 -16.67 -4.55
N VAL A 349 19.72 -17.89 -4.12
CA VAL A 349 18.73 -18.73 -4.77
C VAL A 349 17.46 -18.73 -3.93
N LEU A 350 16.31 -18.63 -4.61
CA LEU A 350 15.02 -18.60 -3.95
C LEU A 350 14.10 -19.65 -4.57
N PRO A 351 13.37 -20.42 -3.74
CA PRO A 351 12.45 -21.40 -4.31
C PRO A 351 11.07 -20.84 -4.62
N MET A 352 10.67 -20.95 -5.89
CA MET A 352 9.28 -20.76 -6.30
C MET A 352 8.89 -19.29 -6.45
N TRP A 353 9.08 -18.48 -5.41
CA TRP A 353 8.50 -17.14 -5.39
C TRP A 353 9.50 -16.12 -4.86
N ALA A 354 9.30 -14.87 -5.27
CA ALA A 354 10.10 -13.75 -4.78
C ALA A 354 9.29 -12.48 -4.93
N PRO A 355 9.46 -11.49 -4.03
CA PRO A 355 8.76 -10.21 -4.21
C PRO A 355 9.33 -9.42 -5.38
N GLN A 356 8.77 -9.64 -6.57
CA GLN A 356 9.41 -9.17 -7.80
C GLN A 356 9.49 -7.66 -7.86
N ILE A 357 8.37 -6.97 -7.60
CA ILE A 357 8.36 -5.51 -7.72
C ILE A 357 9.32 -4.89 -6.73
N ASP A 358 9.41 -5.45 -5.52
CA ASP A 358 10.36 -4.92 -4.53
C ASP A 358 11.80 -5.19 -4.94
N VAL A 359 12.05 -6.27 -5.69
CA VAL A 359 13.39 -6.54 -6.20
C VAL A 359 13.72 -5.62 -7.36
N LEU A 360 12.77 -5.40 -8.27
CA LEU A 360 13.02 -4.54 -9.42
C LEU A 360 13.17 -3.09 -9.01
N SER A 361 12.54 -2.69 -7.91
CA SER A 361 12.68 -1.32 -7.42
C SER A 361 13.95 -1.11 -6.61
N HIS A 362 14.57 -2.20 -6.14
CA HIS A 362 15.78 -2.08 -5.34
C HIS A 362 16.91 -1.49 -6.17
N GLU A 363 17.67 -0.57 -5.57
CA GLU A 363 18.73 0.12 -6.30
C GLU A 363 19.89 -0.80 -6.67
N SER A 364 20.05 -1.92 -5.95
CA SER A 364 21.12 -2.86 -6.24
C SER A 364 20.81 -3.72 -7.47
N THR A 365 19.55 -3.76 -7.92
CA THR A 365 19.17 -4.59 -9.06
C THR A 365 19.58 -3.92 -10.36
N GLY A 366 20.44 -4.59 -11.13
CA GLY A 366 20.96 -4.02 -12.35
C GLY A 366 20.45 -4.66 -13.62
N GLY A 367 19.88 -5.86 -13.51
CA GLY A 367 19.38 -6.56 -14.68
C GLY A 367 18.28 -7.53 -14.29
N PHE A 368 17.51 -7.92 -15.30
CA PHE A 368 16.34 -8.78 -15.10
C PHE A 368 16.30 -9.81 -16.23
N LEU A 369 16.61 -11.06 -15.91
CA LEU A 369 16.41 -12.17 -16.85
C LEU A 369 14.97 -12.65 -16.70
N THR A 370 14.14 -12.38 -17.71
CA THR A 370 12.70 -12.58 -17.63
C THR A 370 12.21 -13.37 -18.82
N HIS A 371 11.01 -13.93 -18.68
CA HIS A 371 10.35 -14.61 -19.79
C HIS A 371 9.58 -13.66 -20.70
N CYS A 372 9.58 -12.36 -20.39
CA CYS A 372 8.96 -11.32 -21.22
C CYS A 372 7.44 -11.34 -21.15
N GLY A 373 6.86 -11.95 -20.12
CA GLY A 373 5.46 -11.69 -19.83
C GLY A 373 5.28 -10.20 -19.73
N TRP A 374 4.12 -9.68 -20.17
CA TRP A 374 3.99 -8.23 -20.27
C TRP A 374 3.91 -7.57 -18.91
N ASN A 375 3.24 -8.21 -17.95
CA ASN A 375 3.22 -7.66 -16.59
C ASN A 375 4.64 -7.48 -16.06
N SER A 376 5.49 -8.50 -16.23
CA SER A 376 6.86 -8.41 -15.75
C SER A 376 7.67 -7.36 -16.49
N THR A 377 7.49 -7.28 -17.82
CA THR A 377 8.20 -6.27 -18.60
C THR A 377 7.82 -4.86 -18.16
N LEU A 378 6.52 -4.60 -18.00
CA LEU A 378 6.09 -3.28 -17.56
C LEU A 378 6.67 -2.92 -16.20
N GLU A 379 6.73 -3.90 -15.29
CA GLU A 379 7.30 -3.66 -13.98
C GLU A 379 8.79 -3.33 -14.09
N SER A 380 9.48 -3.97 -15.02
CA SER A 380 10.90 -3.69 -15.22
C SER A 380 11.11 -2.33 -15.87
N VAL A 381 10.28 -1.99 -16.86
CA VAL A 381 10.37 -0.69 -17.51
C VAL A 381 10.09 0.43 -16.52
N PHE A 382 9.04 0.27 -15.69
CA PHE A 382 8.68 1.30 -14.75
C PHE A 382 9.81 1.60 -13.76
N HIS A 383 10.63 0.60 -13.46
CA HIS A 383 11.74 0.77 -12.52
C HIS A 383 13.09 0.83 -13.20
N GLY A 384 13.11 0.94 -14.53
CA GLY A 384 14.35 1.20 -15.25
C GLY A 384 15.38 0.09 -15.20
N VAL A 385 14.95 -1.17 -15.15
CA VAL A 385 15.85 -2.30 -15.04
C VAL A 385 15.98 -2.95 -16.42
N PRO A 386 17.16 -2.95 -17.03
CA PRO A 386 17.29 -3.58 -18.36
C PRO A 386 17.18 -5.09 -18.29
N LEU A 387 16.92 -5.69 -19.45
CA LEU A 387 16.40 -7.05 -19.54
C LEU A 387 17.35 -7.99 -20.26
N ILE A 388 17.29 -9.26 -19.87
CA ILE A 388 17.69 -10.38 -20.70
C ILE A 388 16.39 -11.06 -21.11
N THR A 389 16.05 -10.97 -22.40
CA THR A 389 14.76 -11.46 -22.90
C THR A 389 14.88 -12.94 -23.21
N TRP A 390 14.19 -13.77 -22.43
CA TRP A 390 14.20 -15.22 -22.57
C TRP A 390 12.75 -15.69 -22.77
N PRO A 391 12.18 -15.42 -23.93
CA PRO A 391 10.76 -15.69 -24.13
C PRO A 391 10.45 -17.18 -24.14
N LEU A 392 9.27 -17.53 -23.65
CA LEU A 392 8.86 -18.92 -23.51
C LEU A 392 7.56 -19.26 -24.24
N TYR A 393 6.50 -18.47 -24.06
CA TYR A 393 5.20 -18.85 -24.62
C TYR A 393 4.36 -17.60 -24.86
N ALA A 394 3.13 -17.82 -25.31
CA ALA A 394 2.15 -16.75 -25.57
C ALA A 394 2.78 -15.81 -26.59
N GLU A 395 2.74 -14.49 -26.37
CA GLU A 395 3.32 -13.51 -27.29
C GLU A 395 4.72 -13.09 -26.88
N GLN A 396 5.36 -13.83 -25.95
CA GLN A 396 6.59 -13.36 -25.36
C GLN A 396 7.70 -13.19 -26.40
N LYS A 397 7.74 -14.03 -27.42
CA LYS A 397 8.76 -13.89 -28.45
C LYS A 397 8.60 -12.58 -29.21
N MET A 398 7.36 -12.21 -29.54
CA MET A 398 7.13 -10.90 -30.15
C MET A 398 7.58 -9.77 -29.23
N ASN A 399 7.33 -9.90 -27.93
CA ASN A 399 7.80 -8.90 -26.97
C ASN A 399 9.32 -8.83 -26.97
N ALA A 400 9.99 -9.98 -27.05
CA ALA A 400 11.45 -9.99 -27.05
C ALA A 400 12.02 -9.23 -28.24
N VAL A 401 11.44 -9.43 -29.43
CA VAL A 401 11.92 -8.74 -30.62
C VAL A 401 11.76 -7.24 -30.46
N MET A 402 10.58 -6.80 -30.00
CA MET A 402 10.34 -5.37 -29.82
C MET A 402 11.28 -4.78 -28.77
N LEU A 403 11.54 -5.52 -27.70
CA LEU A 403 12.37 -4.99 -26.62
C LEU A 403 13.84 -4.89 -27.02
N THR A 404 14.33 -5.89 -27.73
CA THR A 404 15.76 -6.00 -28.01
C THR A 404 16.15 -5.35 -29.34
N GLU A 405 15.40 -5.62 -30.40
CA GLU A 405 15.70 -5.04 -31.71
C GLU A 405 15.03 -3.70 -31.94
N GLY A 406 13.97 -3.39 -31.22
CA GLY A 406 13.28 -2.12 -31.37
C GLY A 406 13.75 -1.08 -30.37
N LEU A 407 13.29 -1.22 -29.13
CA LEU A 407 13.67 -0.26 -28.09
C LEU A 407 15.14 -0.40 -27.72
N ARG A 408 15.71 -1.60 -27.88
CA ARG A 408 17.09 -1.87 -27.48
C ARG A 408 17.28 -1.58 -25.99
N VAL A 409 16.44 -2.23 -25.19
CA VAL A 409 16.53 -2.18 -23.73
C VAL A 409 16.80 -3.55 -23.14
N GLY A 410 17.19 -4.52 -23.97
CA GLY A 410 17.53 -5.85 -23.49
C GLY A 410 18.32 -6.60 -24.53
N LEU A 411 18.77 -7.79 -24.15
CA LEU A 411 19.50 -8.70 -25.03
C LEU A 411 18.81 -10.06 -25.03
N ARG A 412 18.78 -10.70 -26.18
CA ARG A 412 18.11 -11.99 -26.34
C ARG A 412 19.13 -13.07 -26.61
N PRO A 413 19.18 -14.16 -25.83
CA PRO A 413 20.05 -15.28 -26.18
C PRO A 413 19.41 -16.13 -27.26
N SER A 414 20.24 -16.58 -28.21
CA SER A 414 19.75 -17.38 -29.32
C SER A 414 19.54 -18.83 -28.88
N VAL A 415 18.45 -19.41 -29.31
CA VAL A 415 18.12 -20.80 -28.99
C VAL A 415 18.74 -21.69 -30.06
N GLY A 416 19.09 -22.92 -29.65
CA GLY A 416 19.60 -23.89 -30.59
C GLY A 416 18.50 -24.69 -31.26
N LYS A 417 18.88 -25.46 -32.28
CA LYS A 417 17.90 -26.25 -33.03
C LYS A 417 17.21 -27.27 -32.14
N ASP A 418 17.83 -27.71 -31.05
CA ASP A 418 17.23 -28.65 -30.12
C ASP A 418 16.37 -27.96 -29.07
N GLY A 419 16.18 -26.65 -29.17
CA GLY A 419 15.37 -25.92 -28.21
C GLY A 419 16.08 -25.52 -26.93
N ILE A 420 17.38 -25.76 -26.83
CA ILE A 420 18.15 -25.44 -25.63
C ILE A 420 18.94 -24.17 -25.88
N ILE A 421 18.90 -23.24 -24.93
CA ILE A 421 19.76 -22.08 -24.94
C ILE A 421 21.03 -22.44 -24.17
N ARG A 422 22.15 -22.51 -24.88
CA ARG A 422 23.38 -23.02 -24.30
C ARG A 422 24.04 -21.98 -23.41
N GLY A 423 24.96 -22.45 -22.57
CA GLY A 423 25.63 -21.56 -21.63
C GLY A 423 26.38 -20.44 -22.33
N ALA A 424 26.99 -20.74 -23.47
CA ALA A 424 27.75 -19.72 -24.19
C ALA A 424 26.87 -18.51 -24.52
N GLU A 425 25.60 -18.74 -24.83
CA GLU A 425 24.68 -17.64 -25.10
C GLU A 425 24.23 -16.94 -23.81
N ILE A 426 23.91 -17.72 -22.79
CA ILE A 426 23.54 -17.12 -21.50
C ILE A 426 24.66 -16.21 -21.01
N ALA A 427 25.89 -16.72 -21.04
CA ALA A 427 27.03 -15.92 -20.59
C ALA A 427 27.26 -14.71 -21.48
N ARG A 428 27.07 -14.86 -22.80
CA ARG A 428 27.29 -13.73 -23.70
C ARG A 428 26.38 -12.57 -23.35
N VAL A 429 25.07 -12.82 -23.20
CA VAL A 429 24.13 -11.74 -22.98
C VAL A 429 24.29 -11.16 -21.57
N ILE A 430 24.51 -12.02 -20.57
CA ILE A 430 24.75 -11.52 -19.22
C ILE A 430 25.95 -10.57 -19.21
N GLY A 431 27.07 -11.03 -19.77
CA GLY A 431 28.26 -10.19 -19.79
C GLY A 431 28.04 -8.89 -20.54
N GLU A 432 27.44 -8.97 -21.73
CA GLU A 432 27.21 -7.76 -22.50
C GLU A 432 26.28 -6.80 -21.78
N LEU A 433 25.35 -7.33 -20.99
CA LEU A 433 24.39 -6.46 -20.30
C LEU A 433 24.99 -5.84 -19.05
N MET A 434 25.55 -6.65 -18.16
CA MET A 434 26.03 -6.14 -16.89
C MET A 434 27.39 -5.45 -17.04
N GLU A 435 28.26 -5.99 -17.88
CA GLU A 435 29.48 -5.32 -18.31
C GLU A 435 29.35 -4.95 -19.79
N GLY A 436 30.41 -4.39 -20.34
CA GLY A 436 30.41 -4.06 -21.75
C GLY A 436 29.73 -2.75 -22.07
N GLU A 437 30.11 -2.13 -23.19
CA GLU A 437 29.62 -0.80 -23.51
C GLU A 437 28.18 -0.83 -23.99
N GLU A 438 27.81 -1.84 -24.79
CA GLU A 438 26.43 -1.93 -25.26
C GLU A 438 25.45 -2.03 -24.09
N GLY A 439 25.84 -2.72 -23.02
CA GLY A 439 25.00 -2.80 -21.85
C GLY A 439 24.76 -1.45 -21.21
N LYS A 440 25.73 -0.53 -21.33
CA LYS A 440 25.54 0.81 -20.79
C LYS A 440 24.55 1.61 -21.63
N ARG A 441 24.65 1.52 -22.95
CA ARG A 441 23.65 2.15 -23.81
C ARG A 441 22.27 1.59 -23.53
N ILE A 442 22.16 0.27 -23.36
CA ILE A 442 20.90 -0.35 -23.02
C ILE A 442 20.36 0.22 -21.72
N ARG A 443 21.23 0.35 -20.71
CA ARG A 443 20.80 0.92 -19.44
C ARG A 443 20.34 2.36 -19.62
N SER A 444 21.11 3.16 -20.36
CA SER A 444 20.73 4.55 -20.58
C SER A 444 19.35 4.64 -21.23
N LYS A 445 19.11 3.84 -22.27
CA LYS A 445 17.82 3.87 -22.94
C LYS A 445 16.70 3.45 -22.00
N MET A 446 16.97 2.49 -21.11
CA MET A 446 15.93 2.01 -20.21
C MET A 446 15.57 3.08 -19.16
N GLN A 447 16.52 3.92 -18.77
CA GLN A 447 16.20 5.01 -17.85
C GLN A 447 15.30 6.04 -18.51
N GLU A 448 15.48 6.27 -19.82
CA GLU A 448 14.59 7.17 -20.54
C GLU A 448 13.16 6.65 -20.50
N LEU A 449 12.97 5.34 -20.68
CA LEU A 449 11.64 4.76 -20.60
C LEU A 449 11.11 4.81 -19.17
N LYS A 450 11.98 4.66 -18.18
CA LYS A 450 11.56 4.80 -16.78
C LYS A 450 10.93 6.18 -16.54
N ARG A 451 11.61 7.23 -16.99
CA ARG A 451 11.06 8.58 -16.83
C ARG A 451 9.76 8.74 -17.62
N ALA A 452 9.73 8.23 -18.84
CA ALA A 452 8.51 8.32 -19.65
C ALA A 452 7.34 7.59 -19.00
N ALA A 453 7.62 6.52 -18.27
CA ALA A 453 6.54 5.72 -17.69
C ALA A 453 5.85 6.48 -16.56
N SER A 454 6.63 7.06 -15.65
CA SER A 454 6.03 7.84 -14.57
C SER A 454 5.43 9.15 -15.06
N ALA A 455 5.76 9.58 -16.28
CA ALA A 455 5.21 10.81 -16.82
C ALA A 455 3.79 10.63 -17.35
N VAL A 456 3.45 9.44 -17.85
CA VAL A 456 2.10 9.21 -18.36
C VAL A 456 1.12 8.83 -17.27
N LEU A 457 1.60 8.43 -16.09
CA LEU A 457 0.74 8.09 -14.96
C LEU A 457 0.54 9.24 -13.98
N SER A 458 1.22 10.37 -14.19
CA SER A 458 1.06 11.50 -13.28
C SER A 458 -0.41 11.94 -13.25
N LYS A 459 -0.73 12.76 -12.24
CA LYS A 459 -2.10 13.28 -12.12
C LYS A 459 -2.57 13.90 -13.43
N ASP A 460 -1.66 14.47 -14.21
CA ASP A 460 -1.97 15.00 -15.53
C ASP A 460 -1.12 14.29 -16.58
N GLY A 461 -1.20 12.96 -16.63
CA GLY A 461 -0.43 12.18 -17.56
C GLY A 461 -1.25 11.67 -18.73
N SER A 462 -0.54 11.31 -19.80
CA SER A 462 -1.21 10.87 -21.02
C SER A 462 -2.11 9.67 -20.76
N SER A 463 -1.64 8.72 -19.94
CA SER A 463 -2.47 7.55 -19.63
C SER A 463 -3.59 7.90 -18.65
N THR A 464 -3.34 8.84 -17.74
CA THR A 464 -4.39 9.28 -16.83
C THR A 464 -5.51 9.98 -17.60
N ARG A 465 -5.19 10.63 -18.71
CA ARG A 465 -6.22 11.25 -19.53
C ARG A 465 -7.05 10.20 -20.26
N ALA A 466 -6.42 9.15 -20.75
CA ALA A 466 -7.16 8.08 -21.42
C ALA A 466 -8.17 7.45 -20.49
N LEU A 467 -7.79 7.21 -19.23
CA LEU A 467 -8.75 6.72 -18.25
C LEU A 467 -9.92 7.68 -18.09
N GLU A 468 -9.65 8.98 -18.14
CA GLU A 468 -10.71 9.96 -18.02
C GLU A 468 -11.66 9.87 -19.22
N GLU A 469 -11.13 9.76 -20.42
CA GLU A 469 -11.98 9.59 -21.59
C GLU A 469 -12.88 8.38 -21.43
N VAL A 470 -12.32 7.25 -21.03
CA VAL A 470 -13.12 6.04 -20.81
C VAL A 470 -14.19 6.30 -19.77
N ALA A 471 -13.80 6.88 -18.62
CA ALA A 471 -14.77 7.13 -17.56
C ALA A 471 -15.92 7.99 -18.04
N LYS A 472 -15.62 9.08 -18.76
CA LYS A 472 -16.67 9.97 -19.24
C LYS A 472 -17.58 9.27 -20.24
N ILE A 473 -17.01 8.45 -21.13
CA ILE A 473 -17.82 7.69 -22.07
C ILE A 473 -18.79 6.78 -21.32
N TRP A 474 -18.28 6.08 -20.29
CA TRP A 474 -19.14 5.20 -19.52
C TRP A 474 -20.26 5.98 -18.83
N GLU A 475 -19.97 7.20 -18.38
CA GLU A 475 -20.97 8.02 -17.73
C GLU A 475 -21.90 8.72 -18.73
N SER A 476 -21.47 8.89 -19.97
CA SER A 476 -22.29 9.59 -20.94
C SER A 476 -23.61 8.87 -21.14
N LYS A 477 -24.61 9.62 -21.63
CA LYS A 477 -25.98 9.16 -21.68
C LYS A 477 -26.42 8.58 -20.34
N PRO B 9 -25.71 -12.32 -1.75
CA PRO B 9 -25.18 -11.68 -2.97
C PRO B 9 -25.79 -10.31 -3.23
N THR B 10 -25.11 -9.26 -2.80
CA THR B 10 -25.65 -7.92 -2.92
C THR B 10 -25.43 -7.36 -4.32
N THR B 11 -26.30 -6.43 -4.71
CA THR B 11 -26.17 -5.69 -5.95
C THR B 11 -26.03 -4.19 -5.73
N ALA B 12 -26.13 -3.72 -4.50
CA ALA B 12 -25.99 -2.31 -4.19
C ALA B 12 -24.51 -1.96 -3.98
N PRO B 13 -24.17 -0.68 -4.05
CA PRO B 13 -22.79 -0.26 -3.75
C PRO B 13 -22.40 -0.69 -2.35
N PRO B 14 -21.11 -0.71 -2.05
CA PRO B 14 -20.66 -1.16 -0.72
C PRO B 14 -21.09 -0.18 0.35
N PRO B 15 -21.19 -0.64 1.60
CA PRO B 15 -21.55 0.28 2.68
C PRO B 15 -20.54 1.43 2.80
N HIS B 16 -21.04 2.58 3.25
CA HIS B 16 -20.24 3.79 3.35
C HIS B 16 -20.12 4.21 4.80
N VAL B 17 -18.94 4.72 5.17
CA VAL B 17 -18.65 5.13 6.53
C VAL B 17 -18.13 6.57 6.50
N ILE B 18 -18.57 7.37 7.46
CA ILE B 18 -18.17 8.77 7.56
C ILE B 18 -17.39 8.96 8.86
N ILE B 19 -16.28 9.69 8.75
CA ILE B 19 -15.37 9.91 9.87
C ILE B 19 -15.37 11.40 10.21
N VAL B 20 -15.55 11.70 11.49
CA VAL B 20 -15.52 13.08 11.98
C VAL B 20 -14.34 13.20 12.94
N PRO B 21 -13.20 13.70 12.48
CA PRO B 21 -12.04 13.83 13.36
C PRO B 21 -12.13 15.05 14.27
N SER B 22 -11.39 14.98 15.36
CA SER B 22 -11.11 16.15 16.18
C SER B 22 -9.85 16.82 15.64
N ALA B 23 -9.81 18.15 15.75
CA ALA B 23 -8.73 18.94 15.16
C ALA B 23 -7.38 18.32 15.44
N GLY B 24 -6.57 18.21 14.39
CA GLY B 24 -5.20 17.74 14.54
C GLY B 24 -4.75 16.72 13.50
N MET B 25 -3.61 16.99 12.86
CA MET B 25 -3.00 16.00 11.99
C MET B 25 -2.69 14.71 12.74
N GLY B 26 -2.42 14.81 14.05
CA GLY B 26 -2.17 13.63 14.84
C GLY B 26 -3.36 12.70 14.96
N HIS B 27 -4.58 13.22 14.75
CA HIS B 27 -5.77 12.39 14.73
C HIS B 27 -6.04 11.81 13.35
N LEU B 28 -5.69 12.54 12.29
CA LEU B 28 -5.94 12.05 10.93
C LEU B 28 -5.11 10.83 10.61
N ILE B 29 -3.89 10.75 11.14
CA ILE B 29 -2.97 9.67 10.79
C ILE B 29 -3.55 8.32 11.24
N PRO B 30 -3.86 8.14 12.52
CA PRO B 30 -4.44 6.85 12.92
C PRO B 30 -5.81 6.57 12.33
N LEU B 31 -6.62 7.61 12.08
CA LEU B 31 -7.92 7.39 11.45
C LEU B 31 -7.75 6.90 10.02
N ALA B 32 -6.81 7.48 9.28
CA ALA B 32 -6.57 7.05 7.90
C ALA B 32 -6.13 5.60 7.86
N GLU B 33 -5.17 5.22 8.72
CA GLU B 33 -4.71 3.84 8.74
C GLU B 33 -5.84 2.90 9.13
N PHE B 34 -6.73 3.34 10.01
CA PHE B 34 -7.91 2.55 10.35
C PHE B 34 -8.79 2.34 9.12
N ALA B 35 -9.05 3.41 8.38
CA ALA B 35 -9.87 3.30 7.18
C ALA B 35 -9.22 2.41 6.13
N LYS B 36 -7.90 2.55 5.95
CA LYS B 36 -7.21 1.77 4.94
C LYS B 36 -7.35 0.28 5.19
N ARG B 37 -7.36 -0.12 6.46
CA ARG B 37 -7.48 -1.54 6.79
C ARG B 37 -8.88 -2.08 6.49
N LEU B 38 -9.89 -1.22 6.55
CA LEU B 38 -11.27 -1.61 6.26
C LEU B 38 -11.67 -1.32 4.83
N LEU B 39 -10.73 -0.88 3.99
CA LEU B 39 -11.07 -0.49 2.63
C LEU B 39 -11.61 -1.63 1.78
N PRO B 40 -11.22 -2.90 1.99
CA PRO B 40 -11.86 -3.99 1.24
C PRO B 40 -13.33 -4.20 1.59
N ARG B 41 -13.89 -3.43 2.53
CA ARG B 41 -15.26 -3.68 2.95
C ARG B 41 -16.10 -2.42 3.12
N PHE B 42 -15.51 -1.23 3.11
CA PHE B 42 -16.27 0.00 3.20
C PHE B 42 -15.56 1.09 2.40
N THR B 43 -16.35 2.03 1.88
CA THR B 43 -15.83 3.32 1.44
C THR B 43 -15.96 4.34 2.56
N PHE B 44 -15.11 5.36 2.54
CA PHE B 44 -15.02 6.30 3.64
C PHE B 44 -15.06 7.74 3.13
N THR B 45 -15.62 8.61 3.96
CA THR B 45 -15.55 10.05 3.77
C THR B 45 -15.07 10.69 5.06
N PHE B 46 -13.96 11.42 4.99
CA PHE B 46 -13.54 12.27 6.09
C PHE B 46 -14.35 13.55 6.05
N ALA B 47 -15.18 13.77 7.07
CA ALA B 47 -15.93 15.01 7.22
C ALA B 47 -15.21 15.86 8.26
N VAL B 48 -14.43 16.82 7.78
CA VAL B 48 -13.46 17.53 8.62
C VAL B 48 -14.07 18.86 9.03
N PRO B 49 -14.33 19.08 10.32
CA PRO B 49 -14.70 20.44 10.76
C PRO B 49 -13.54 21.40 10.60
N THR B 50 -13.87 22.67 10.45
CA THR B 50 -12.86 23.71 10.27
C THR B 50 -13.31 24.98 10.99
N SER B 51 -12.32 25.72 11.51
CA SER B 51 -12.55 27.05 12.04
C SER B 51 -12.10 28.13 11.07
N GLY B 52 -11.57 27.74 9.92
CA GLY B 52 -11.12 28.67 8.91
C GLY B 52 -10.87 27.94 7.60
N PRO B 53 -9.81 28.32 6.89
CA PRO B 53 -9.45 27.57 5.68
C PRO B 53 -8.53 26.41 6.03
N PRO B 54 -8.85 25.20 5.58
CA PRO B 54 -8.02 24.04 5.95
C PRO B 54 -6.60 24.20 5.46
N SER B 55 -5.66 23.72 6.27
CA SER B 55 -4.24 23.82 5.94
C SER B 55 -3.93 22.97 4.71
N SER B 56 -2.72 23.16 4.17
CA SER B 56 -2.27 22.35 3.05
C SER B 56 -1.80 20.97 3.53
N SER B 57 -1.16 20.92 4.69
CA SER B 57 -0.72 19.64 5.25
C SER B 57 -1.90 18.68 5.40
N GLN B 58 -3.06 19.20 5.80
CA GLN B 58 -4.25 18.36 5.92
C GLN B 58 -4.78 17.95 4.56
N ARG B 59 -4.96 18.93 3.65
CA ARG B 59 -5.47 18.62 2.32
C ARG B 59 -4.51 17.69 1.57
N ASP B 60 -3.20 17.91 1.72
CA ASP B 60 -2.24 17.08 1.02
C ASP B 60 -2.22 15.66 1.56
N PHE B 61 -2.43 15.49 2.86
CA PHE B 61 -2.40 14.15 3.46
C PHE B 61 -3.64 13.36 3.08
N LEU B 62 -4.82 13.96 3.23
CA LEU B 62 -6.05 13.25 2.90
C LEU B 62 -6.16 12.99 1.40
N SER B 63 -5.76 13.97 0.58
CA SER B 63 -5.81 13.78 -0.86
C SER B 63 -4.86 12.71 -1.35
N SER B 64 -3.89 12.31 -0.52
CA SER B 64 -2.95 11.25 -0.87
C SER B 64 -3.42 9.87 -0.46
N LEU B 65 -4.55 9.79 0.25
CA LEU B 65 -5.11 8.49 0.59
C LEU B 65 -5.71 7.83 -0.64
N PRO B 66 -5.96 6.51 -0.58
CA PRO B 66 -6.62 5.83 -1.71
C PRO B 66 -7.91 6.53 -2.13
N ALA B 67 -8.31 6.32 -3.40
CA ALA B 67 -9.48 7.02 -3.93
C ALA B 67 -10.75 6.67 -3.18
N SER B 68 -10.85 5.45 -2.65
CA SER B 68 -12.03 5.06 -1.89
C SER B 68 -12.19 5.82 -0.57
N ILE B 69 -11.26 6.72 -0.25
CA ILE B 69 -11.37 7.58 0.93
C ILE B 69 -11.35 9.01 0.41
N ASP B 70 -12.52 9.62 0.30
CA ASP B 70 -12.64 11.01 -0.12
C ASP B 70 -12.78 11.92 1.10
N THR B 71 -12.69 13.23 0.84
CA THR B 71 -12.70 14.22 1.91
C THR B 71 -13.68 15.33 1.58
N SER B 72 -14.35 15.83 2.60
CA SER B 72 -15.24 16.99 2.49
C SER B 72 -14.94 17.93 3.64
N PHE B 73 -14.27 19.03 3.36
CA PHE B 73 -13.99 20.05 4.38
C PHE B 73 -15.26 20.85 4.61
N LEU B 74 -15.84 20.72 5.80
CA LEU B 74 -17.11 21.34 6.09
C LEU B 74 -16.97 22.85 6.20
N PRO B 75 -18.06 23.59 6.02
CA PRO B 75 -17.99 25.06 6.15
C PRO B 75 -17.41 25.47 7.49
N GLU B 76 -16.47 26.41 7.45
CA GLU B 76 -15.80 26.85 8.66
C GLU B 76 -16.78 27.52 9.62
N VAL B 77 -16.47 27.44 10.90
CA VAL B 77 -17.27 28.06 11.94
C VAL B 77 -16.46 29.20 12.56
N ASP B 78 -17.14 29.98 13.41
CA ASP B 78 -16.55 31.16 14.03
C ASP B 78 -16.23 30.86 15.49
N LEU B 79 -14.95 30.92 15.83
CA LEU B 79 -14.50 30.77 17.21
C LEU B 79 -13.96 32.08 17.79
N SER B 80 -14.41 33.22 17.26
CA SER B 80 -13.96 34.51 17.77
C SER B 80 -14.62 34.84 19.10
N ASP B 81 -15.85 34.38 19.31
CA ASP B 81 -16.53 34.58 20.59
C ASP B 81 -15.98 33.70 21.70
N ALA B 82 -14.99 32.86 21.40
CA ALA B 82 -14.40 31.99 22.42
C ALA B 82 -13.47 32.80 23.33
N PRO B 83 -13.30 32.37 24.58
CA PRO B 83 -12.37 33.06 25.47
C PRO B 83 -10.96 33.10 24.90
N SER B 84 -10.21 34.11 25.33
CA SER B 84 -8.83 34.24 24.87
C SER B 84 -7.98 33.06 25.31
N ASP B 85 -8.09 32.67 26.57
CA ASP B 85 -7.35 31.55 27.12
C ASP B 85 -8.10 30.22 26.97
N ALA B 86 -9.00 30.12 26.00
CA ALA B 86 -9.72 28.88 25.77
C ALA B 86 -8.75 27.78 25.40
N GLN B 87 -8.77 26.69 26.17
CA GLN B 87 -7.90 25.55 25.90
C GLN B 87 -8.42 24.75 24.71
N ILE B 88 -7.52 23.97 24.11
CA ILE B 88 -7.83 23.30 22.85
C ILE B 88 -9.03 22.38 23.00
N GLU B 89 -9.15 21.70 24.15
CA GLU B 89 -10.30 20.82 24.36
C GLU B 89 -11.61 21.58 24.21
N THR B 90 -11.62 22.86 24.58
CA THR B 90 -12.81 23.69 24.39
C THR B 90 -12.97 24.09 22.93
N LEU B 91 -11.89 24.54 22.30
CA LEU B 91 -11.98 25.02 20.93
C LEU B 91 -12.33 23.90 19.96
N MET B 92 -11.96 22.66 20.28
CA MET B 92 -12.31 21.53 19.42
C MET B 92 -13.77 21.13 19.61
N SER B 93 -14.24 21.13 20.86
CA SER B 93 -15.65 20.79 21.12
C SER B 93 -16.58 21.77 20.44
N LEU B 94 -16.28 23.07 20.53
CA LEU B 94 -17.11 24.08 19.88
C LEU B 94 -17.09 23.90 18.38
N MET B 95 -15.94 23.57 17.80
CA MET B 95 -15.85 23.36 16.37
C MET B 95 -16.82 22.28 15.91
N VAL B 96 -16.89 21.17 16.66
CA VAL B 96 -17.76 20.06 16.26
C VAL B 96 -19.22 20.48 16.33
N VAL B 97 -19.68 20.93 17.50
CA VAL B 97 -21.09 21.22 17.71
C VAL B 97 -21.58 22.29 16.74
N ARG B 98 -20.74 23.28 16.43
CA ARG B 98 -21.13 24.34 15.52
C ARG B 98 -21.20 23.87 14.07
N SER B 99 -20.60 22.73 13.76
CA SER B 99 -20.59 22.20 12.40
C SER B 99 -21.64 21.11 12.18
N LEU B 100 -22.43 20.77 13.20
CA LEU B 100 -23.42 19.71 13.04
C LEU B 100 -24.42 19.99 11.92
N PRO B 101 -24.91 21.22 11.72
CA PRO B 101 -25.82 21.45 10.59
C PRO B 101 -25.22 21.05 9.26
N SER B 102 -23.93 21.31 9.05
CA SER B 102 -23.30 20.95 7.79
C SER B 102 -23.06 19.44 7.68
N LEU B 103 -22.85 18.77 8.82
CA LEU B 103 -22.71 17.32 8.80
C LEU B 103 -24.02 16.66 8.38
N ARG B 104 -25.15 17.19 8.83
CA ARG B 104 -26.44 16.66 8.41
C ARG B 104 -26.62 16.78 6.91
N ASP B 105 -26.24 17.94 6.34
CA ASP B 105 -26.40 18.14 4.91
C ASP B 105 -25.46 17.25 4.10
N LEU B 106 -24.32 16.88 4.66
CA LEU B 106 -23.41 15.96 3.98
C LEU B 106 -24.00 14.55 3.96
N ILE B 107 -24.41 14.04 5.12
CA ILE B 107 -25.03 12.73 5.19
C ILE B 107 -26.29 12.70 4.34
N ALA B 108 -27.02 13.82 4.27
CA ALA B 108 -28.25 13.87 3.49
C ALA B 108 -27.97 13.68 2.01
N SER B 109 -26.81 14.12 1.53
CA SER B 109 -26.51 14.03 0.10
C SER B 109 -26.24 12.60 -0.34
N TYR B 110 -25.97 11.68 0.58
CA TYR B 110 -25.75 10.29 0.21
C TYR B 110 -27.05 9.54 -0.07
N SER B 111 -28.18 10.10 0.35
CA SER B 111 -29.46 9.60 -0.15
C SER B 111 -29.53 9.81 -1.66
N ALA B 112 -30.24 8.92 -2.35
CA ALA B 112 -30.34 8.91 -3.80
C ALA B 112 -29.03 8.52 -4.47
N SER B 113 -28.03 8.09 -3.71
CA SER B 113 -26.77 7.60 -4.28
C SER B 113 -26.67 6.08 -4.24
N GLY B 114 -27.45 5.41 -3.41
CA GLY B 114 -27.39 3.98 -3.25
C GLY B 114 -26.40 3.50 -2.22
N ARG B 115 -25.48 4.36 -1.78
CA ARG B 115 -24.50 3.99 -0.76
C ARG B 115 -25.12 4.16 0.62
N ARG B 116 -25.28 3.04 1.34
CA ARG B 116 -25.83 3.10 2.69
C ARG B 116 -24.74 3.57 3.66
N VAL B 117 -25.04 4.62 4.40
CA VAL B 117 -24.13 5.08 5.46
C VAL B 117 -24.25 4.11 6.62
N ALA B 118 -23.25 3.26 6.80
CA ALA B 118 -23.34 2.16 7.75
C ALA B 118 -22.83 2.52 9.14
N ALA B 119 -22.11 3.63 9.29
CA ALA B 119 -21.58 3.99 10.60
C ALA B 119 -21.01 5.39 10.55
N LEU B 120 -21.09 6.08 11.68
CA LEU B 120 -20.44 7.38 11.88
C LEU B 120 -19.36 7.22 12.94
N VAL B 121 -18.12 7.45 12.55
CA VAL B 121 -16.97 7.33 13.44
C VAL B 121 -16.57 8.73 13.88
N VAL B 122 -16.69 9.00 15.17
CA VAL B 122 -16.37 10.30 15.74
C VAL B 122 -15.13 10.15 16.61
N ASP B 123 -14.30 11.20 16.61
CA ASP B 123 -13.10 11.21 17.43
C ASP B 123 -13.48 11.40 18.90
N LEU B 124 -12.46 11.44 19.77
CA LEU B 124 -12.71 11.39 21.21
C LEU B 124 -13.38 12.66 21.72
N PHE B 125 -13.25 13.79 21.03
CA PHE B 125 -13.86 15.05 21.46
C PHE B 125 -14.95 15.52 20.50
N ALA B 126 -15.47 14.62 19.67
CA ALA B 126 -16.55 14.94 18.74
C ALA B 126 -17.81 14.14 19.03
N THR B 127 -18.04 13.83 20.31
CA THR B 127 -19.17 12.98 20.67
C THR B 127 -20.51 13.63 20.38
N ASP B 128 -20.56 14.96 20.30
CA ASP B 128 -21.82 15.63 19.99
C ASP B 128 -22.35 15.25 18.61
N ALA B 129 -21.49 14.73 17.72
CA ALA B 129 -21.96 14.25 16.43
C ALA B 129 -22.71 12.93 16.56
N ILE B 130 -22.58 12.24 17.69
CA ILE B 130 -23.36 11.02 17.92
C ILE B 130 -24.84 11.32 17.81
N ASP B 131 -25.26 12.54 18.16
CA ASP B 131 -26.66 12.92 18.03
C ASP B 131 -27.13 12.76 16.59
N VAL B 132 -26.34 13.24 15.63
CA VAL B 132 -26.73 13.14 14.22
C VAL B 132 -26.86 11.68 13.80
N ALA B 133 -25.96 10.83 14.30
CA ALA B 133 -26.02 9.40 13.96
C ALA B 133 -27.29 8.76 14.51
N LEU B 134 -27.61 9.04 15.78
CA LEU B 134 -28.77 8.42 16.39
C LEU B 134 -30.07 8.86 15.72
N GLU B 135 -30.17 10.15 15.38
CA GLU B 135 -31.40 10.65 14.78
C GLU B 135 -31.62 10.15 13.36
N LEU B 136 -30.60 9.57 12.73
CA LEU B 136 -30.70 9.06 11.36
C LEU B 136 -30.56 7.55 11.29
N GLY B 137 -30.60 6.85 12.43
CA GLY B 137 -30.48 5.41 12.42
C GLY B 137 -29.11 4.89 12.04
N ILE B 138 -28.08 5.72 12.09
CA ILE B 138 -26.72 5.31 11.76
C ILE B 138 -26.02 4.86 13.04
N ARG B 139 -25.19 3.83 12.92
CA ARG B 139 -24.48 3.31 14.08
C ARG B 139 -23.41 4.30 14.51
N PRO B 140 -23.49 4.87 15.72
CA PRO B 140 -22.39 5.74 16.18
C PRO B 140 -21.24 4.98 16.82
N PHE B 141 -20.02 5.23 16.37
CA PHE B 141 -18.83 4.65 16.97
C PHE B 141 -17.85 5.75 17.32
N ILE B 142 -17.04 5.49 18.36
CA ILE B 142 -16.01 6.41 18.80
C ILE B 142 -14.66 5.78 18.51
N PHE B 143 -13.74 6.57 17.95
CA PHE B 143 -12.37 6.16 17.75
C PHE B 143 -11.50 6.90 18.76
N PHE B 144 -10.83 6.14 19.63
CA PHE B 144 -10.02 6.72 20.69
C PHE B 144 -8.55 6.64 20.29
N PRO B 145 -7.93 7.73 19.82
CA PRO B 145 -6.56 7.64 19.31
C PRO B 145 -5.50 7.71 20.40
N SER B 146 -5.86 7.43 21.65
CA SER B 146 -4.91 7.52 22.74
C SER B 146 -4.80 6.19 23.47
N THR B 147 -4.44 6.22 24.76
CA THR B 147 -4.20 5.01 25.51
C THR B 147 -5.51 4.43 26.04
N ALA B 148 -5.45 3.12 26.35
CA ALA B 148 -6.53 2.50 27.10
C ALA B 148 -6.57 3.01 28.52
N MET B 149 -5.40 3.36 29.08
CA MET B 149 -5.34 3.98 30.40
C MET B 149 -6.18 5.24 30.43
N THR B 150 -6.06 6.08 29.41
CA THR B 150 -6.83 7.32 29.36
C THR B 150 -8.30 7.05 29.07
N LEU B 151 -8.58 6.04 28.24
CA LEU B 151 -9.97 5.67 27.99
C LEU B 151 -10.65 5.21 29.28
N SER B 152 -9.97 4.36 30.06
CA SER B 152 -10.49 3.96 31.37
C SER B 152 -10.78 5.18 32.22
N PHE B 153 -9.89 6.19 32.16
CA PHE B 153 -10.12 7.41 32.93
C PHE B 153 -11.35 8.16 32.44
N PHE B 154 -11.47 8.33 31.11
CA PHE B 154 -12.66 8.96 30.55
C PHE B 154 -13.93 8.30 31.06
N LEU B 155 -13.99 6.97 30.98
CA LEU B 155 -15.17 6.25 31.44
C LEU B 155 -15.37 6.40 32.93
N HIS B 156 -14.29 6.56 33.69
CA HIS B 156 -14.36 6.66 35.14
C HIS B 156 -14.49 8.10 35.63
N LEU B 157 -14.59 9.07 34.73
CA LEU B 157 -14.63 10.47 35.15
C LEU B 157 -15.96 10.82 35.81
N GLU B 158 -17.06 10.18 35.39
CA GLU B 158 -18.36 10.48 35.97
C GLU B 158 -18.36 10.24 37.47
N LYS B 159 -17.66 9.21 37.93
CA LYS B 159 -17.64 8.90 39.36
C LYS B 159 -16.76 9.86 40.15
N LEU B 160 -15.70 10.40 39.53
CA LEU B 160 -14.81 11.30 40.23
C LEU B 160 -15.46 12.67 40.43
N ASP B 161 -16.21 13.15 39.44
CA ASP B 161 -16.82 14.46 39.53
C ASP B 161 -17.82 14.54 40.67
N GLU B 162 -18.50 13.43 40.98
CA GLU B 162 -19.55 13.43 41.99
C GLU B 162 -19.04 13.06 43.37
N THR B 163 -18.11 12.10 43.46
CA THR B 163 -17.59 11.68 44.75
C THR B 163 -16.51 12.61 45.27
N VAL B 164 -15.85 13.36 44.40
CA VAL B 164 -14.79 14.29 44.80
C VAL B 164 -15.29 15.71 44.51
N SER B 165 -15.42 16.51 45.57
CA SER B 165 -15.87 17.89 45.43
C SER B 165 -14.73 18.87 45.26
N CYS B 166 -13.53 18.53 45.73
CA CYS B 166 -12.39 19.42 45.68
C CYS B 166 -11.65 19.27 44.36
N GLU B 167 -10.59 20.06 44.19
CA GLU B 167 -9.72 19.93 43.03
C GLU B 167 -8.94 18.63 43.10
N PHE B 168 -8.65 18.06 41.92
CA PHE B 168 -7.97 16.77 41.88
C PHE B 168 -6.53 16.88 42.35
N ALA B 169 -5.91 18.06 42.23
CA ALA B 169 -4.52 18.22 42.62
C ALA B 169 -4.25 17.77 44.05
N GLU B 170 -5.28 17.74 44.89
CA GLU B 170 -5.12 17.29 46.27
C GLU B 170 -6.05 16.11 46.58
N PRO B 174 -4.46 9.91 45.84
CA PRO B 174 -4.32 8.61 45.17
C PRO B 174 -5.57 8.23 44.37
N VAL B 175 -5.49 8.32 43.06
CA VAL B 175 -6.62 8.00 42.18
C VAL B 175 -6.53 6.54 41.75
N GLN B 176 -7.68 5.88 41.67
CA GLN B 176 -7.77 4.45 41.37
C GLN B 176 -8.65 4.28 40.14
N ILE B 177 -8.05 4.38 38.97
CA ILE B 177 -8.78 4.16 37.72
C ILE B 177 -8.90 2.66 37.50
N PRO B 178 -10.07 2.15 37.07
CA PRO B 178 -10.21 0.70 36.90
C PRO B 178 -9.12 0.06 36.04
N GLY B 179 -8.38 -0.87 36.62
CA GLY B 179 -7.38 -1.62 35.88
C GLY B 179 -6.12 -0.85 35.55
N CYS B 180 -5.93 0.35 36.09
CA CYS B 180 -4.77 1.17 35.80
C CYS B 180 -3.85 1.24 36.99
N ILE B 181 -2.57 1.48 36.72
CA ILE B 181 -1.64 1.84 37.79
C ILE B 181 -2.17 3.07 38.51
N PRO B 182 -2.23 3.09 39.84
CA PRO B 182 -2.70 4.30 40.53
C PRO B 182 -1.78 5.48 40.27
N VAL B 183 -2.29 6.67 40.58
CA VAL B 183 -1.51 7.89 40.42
C VAL B 183 -2.27 9.04 41.07
N HIS B 184 -1.53 9.98 41.67
CA HIS B 184 -2.16 11.08 42.39
C HIS B 184 -2.97 11.95 41.44
N GLY B 185 -3.98 12.62 41.99
CA GLY B 185 -4.82 13.49 41.19
C GLY B 185 -4.05 14.65 40.58
N LYS B 186 -2.99 15.10 41.25
CA LYS B 186 -2.11 16.12 40.68
C LYS B 186 -1.43 15.65 39.40
N ASP B 187 -1.51 14.36 39.07
CA ASP B 187 -0.84 13.80 37.91
C ASP B 187 -1.79 13.44 36.78
N LEU B 188 -3.05 13.86 36.86
CA LEU B 188 -4.02 13.57 35.82
C LEU B 188 -3.82 14.50 34.64
N ILE B 189 -4.62 14.29 33.59
CA ILE B 189 -4.48 15.04 32.33
C ILE B 189 -4.71 16.53 32.57
N ASP B 190 -4.37 17.34 31.56
CA ASP B 190 -4.49 18.80 31.74
C ASP B 190 -5.93 19.23 31.98
N PRO B 191 -6.91 18.82 31.17
CA PRO B 191 -8.25 19.43 31.27
C PRO B 191 -8.93 19.24 32.61
N VAL B 192 -8.43 18.36 33.48
CA VAL B 192 -9.05 18.15 34.79
C VAL B 192 -8.34 18.92 35.90
N GLN B 193 -7.18 19.52 35.63
CA GLN B 193 -6.46 20.23 36.68
C GLN B 193 -7.15 21.53 37.06
N ASP B 194 -7.88 22.14 36.14
CA ASP B 194 -8.63 23.37 36.39
C ASP B 194 -10.11 23.05 36.17
N ARG B 195 -10.75 22.49 37.20
CA ARG B 195 -12.16 22.11 37.11
C ARG B 195 -13.07 23.30 36.83
N LYS B 196 -12.55 24.53 36.90
CA LYS B 196 -13.36 25.71 36.62
C LYS B 196 -13.44 26.01 35.13
N ASN B 197 -12.35 25.75 34.40
CA ASN B 197 -12.27 26.13 32.99
C ASN B 197 -13.27 25.31 32.16
N ASP B 198 -13.62 25.86 31.00
CA ASP B 198 -14.50 25.16 30.06
C ASP B 198 -13.92 23.82 29.63
N ALA B 199 -12.59 23.65 29.72
CA ALA B 199 -11.98 22.40 29.29
C ALA B 199 -12.51 21.22 30.10
N TYR B 200 -12.47 21.34 31.43
CA TYR B 200 -12.97 20.26 32.28
C TYR B 200 -14.44 19.98 31.99
N LYS B 201 -15.23 21.03 31.78
CA LYS B 201 -16.66 20.84 31.52
C LYS B 201 -16.88 20.01 30.28
N TRP B 202 -16.26 20.40 29.15
CA TRP B 202 -16.39 19.62 27.93
C TRP B 202 -15.89 18.20 28.13
N LEU B 203 -14.84 18.03 28.93
CA LEU B 203 -14.31 16.69 29.17
C LEU B 203 -15.33 15.79 29.84
N LEU B 204 -15.94 16.28 30.93
CA LEU B 204 -16.99 15.52 31.60
C LEU B 204 -18.17 15.29 30.66
N HIS B 205 -18.53 16.31 29.88
CA HIS B 205 -19.63 16.18 28.93
C HIS B 205 -19.38 15.06 27.94
N HIS B 206 -18.26 15.12 27.21
CA HIS B 206 -17.92 14.06 26.28
C HIS B 206 -17.79 12.72 27.00
N SER B 207 -17.28 12.74 28.23
CA SER B 207 -17.05 11.50 28.97
C SER B 207 -18.34 10.72 29.17
N LYS B 208 -19.43 11.40 29.54
CA LYS B 208 -20.69 10.74 29.81
C LYS B 208 -21.45 10.35 28.55
N ARG B 209 -21.00 10.79 27.37
CA ARG B 209 -21.64 10.46 26.12
C ARG B 209 -21.03 9.23 25.44
N TYR B 210 -19.99 8.64 26.04
CA TYR B 210 -19.39 7.44 25.46
C TYR B 210 -20.31 6.24 25.53
N LYS B 211 -21.29 6.24 26.43
CA LYS B 211 -22.24 5.15 26.51
C LYS B 211 -23.30 5.22 25.40
N LEU B 212 -23.43 6.36 24.73
CA LEU B 212 -24.34 6.46 23.59
C LEU B 212 -23.81 5.74 22.37
N ALA B 213 -22.50 5.51 22.29
CA ALA B 213 -21.90 4.87 21.14
C ALA B 213 -22.03 3.35 21.26
N GLU B 214 -22.17 2.70 20.10
CA GLU B 214 -22.24 1.24 20.09
C GLU B 214 -20.90 0.59 20.38
N GLY B 215 -19.80 1.32 20.19
CA GLY B 215 -18.49 0.77 20.49
C GLY B 215 -17.45 1.86 20.48
N VAL B 216 -16.37 1.60 21.21
CA VAL B 216 -15.21 2.49 21.24
C VAL B 216 -14.03 1.71 20.64
N ILE B 217 -13.44 2.28 19.60
CA ILE B 217 -12.26 1.69 18.94
C ILE B 217 -11.04 2.42 19.49
N VAL B 218 -10.18 1.67 20.19
CA VAL B 218 -9.02 2.23 20.86
C VAL B 218 -7.75 1.76 20.15
N ASN B 219 -6.82 2.68 19.92
CA ASN B 219 -5.59 2.38 19.20
C ASN B 219 -4.52 1.86 20.17
N SER B 220 -4.87 0.77 20.85
CA SER B 220 -3.96 0.10 21.78
C SER B 220 -4.29 -1.40 21.75
N PHE B 221 -3.49 -2.18 22.47
CA PHE B 221 -3.71 -3.61 22.53
C PHE B 221 -3.25 -4.13 23.89
N GLU B 222 -3.64 -5.38 24.18
CA GLU B 222 -3.43 -5.93 25.51
C GLU B 222 -1.94 -6.06 25.84
N GLY B 223 -1.14 -6.48 24.87
CA GLY B 223 0.29 -6.62 25.10
C GLY B 223 0.96 -5.36 25.60
N LEU B 224 0.37 -4.19 25.32
CA LEU B 224 0.93 -2.92 25.73
C LEU B 224 0.23 -2.32 26.94
N GLU B 225 -1.07 -2.58 27.11
CA GLU B 225 -1.85 -2.06 28.23
C GLU B 225 -2.75 -3.16 28.77
N GLY B 226 -2.14 -4.22 29.31
CA GLY B 226 -2.92 -5.35 29.77
C GLY B 226 -3.91 -4.99 30.87
N GLY B 227 -3.52 -4.09 31.77
CA GLY B 227 -4.34 -3.72 32.89
C GLY B 227 -5.70 -3.19 32.49
N PRO B 228 -5.74 -1.96 31.95
CA PRO B 228 -7.03 -1.37 31.58
C PRO B 228 -7.73 -2.08 30.44
N ILE B 229 -6.98 -2.67 29.50
CA ILE B 229 -7.62 -3.37 28.38
C ILE B 229 -8.54 -4.46 28.90
N ARG B 230 -8.00 -5.40 29.69
CA ARG B 230 -8.82 -6.46 30.24
C ARG B 230 -9.98 -5.89 31.05
N GLU B 231 -9.72 -4.87 31.88
CA GLU B 231 -10.79 -4.23 32.61
C GLU B 231 -11.82 -3.61 31.66
N LEU B 232 -11.38 -3.14 30.50
CA LEU B 232 -12.29 -2.52 29.55
C LEU B 232 -13.12 -3.56 28.81
N LEU B 233 -12.50 -4.68 28.41
CA LEU B 233 -13.22 -5.72 27.68
C LEU B 233 -14.26 -6.43 28.54
N HIS B 234 -14.13 -6.36 29.86
CA HIS B 234 -15.06 -7.04 30.75
C HIS B 234 -16.46 -6.46 30.58
N PRO B 235 -17.48 -7.27 30.27
CA PRO B 235 -18.82 -6.72 30.09
C PRO B 235 -19.33 -6.04 31.35
N GLU B 236 -19.88 -4.84 31.18
CA GLU B 236 -20.48 -4.10 32.29
C GLU B 236 -21.60 -3.22 31.75
N PRO B 237 -22.82 -3.34 32.28
CA PRO B 237 -23.90 -2.44 31.84
C PRO B 237 -23.50 -0.98 32.02
N GLY B 238 -23.88 -0.16 31.05
CA GLY B 238 -23.50 1.24 31.03
C GLY B 238 -22.14 1.52 30.42
N LYS B 239 -21.28 0.50 30.29
CA LYS B 239 -19.97 0.65 29.66
C LYS B 239 -20.01 0.13 28.24
N PRO B 240 -19.60 0.91 27.24
CA PRO B 240 -19.69 0.46 25.86
C PRO B 240 -18.67 -0.63 25.56
N ARG B 241 -18.87 -1.29 24.42
CA ARG B 241 -17.92 -2.28 23.95
C ARG B 241 -16.65 -1.60 23.44
N VAL B 242 -15.50 -2.17 23.79
CA VAL B 242 -14.21 -1.62 23.39
C VAL B 242 -13.55 -2.60 22.43
N TYR B 243 -12.98 -2.07 21.35
CA TYR B 243 -12.37 -2.86 20.28
C TYR B 243 -10.92 -2.40 20.12
N PRO B 244 -9.97 -3.02 20.81
CA PRO B 244 -8.56 -2.67 20.63
C PRO B 244 -8.07 -3.11 19.25
N VAL B 245 -7.64 -2.14 18.44
CA VAL B 245 -7.19 -2.39 17.08
C VAL B 245 -5.74 -1.96 16.87
N GLY B 246 -5.03 -1.61 17.94
CA GLY B 246 -3.69 -1.10 17.81
C GLY B 246 -2.66 -2.20 17.65
N PRO B 247 -1.45 -1.81 17.23
CA PRO B 247 -1.01 -0.45 16.92
C PRO B 247 -1.25 -0.05 15.46
N LEU B 248 -1.94 1.06 15.24
CA LEU B 248 -2.18 1.60 13.91
C LEU B 248 -1.22 2.75 13.69
N ILE B 249 -0.25 2.57 12.79
CA ILE B 249 0.80 3.55 12.53
C ILE B 249 1.04 3.64 11.03
N GLN B 250 1.79 4.66 10.64
CA GLN B 250 2.15 4.86 9.24
C GLN B 250 3.17 3.82 8.82
N ALA B 251 3.76 4.02 7.63
CA ALA B 251 4.84 3.17 7.14
C ALA B 251 5.93 4.02 6.51
N ALA B 260 17.97 3.68 3.73
CA ALA B 260 18.43 5.06 3.90
C ALA B 260 18.23 5.85 2.62
N ARG B 261 17.37 6.86 2.70
CA ARG B 261 16.97 7.65 1.54
C ARG B 261 17.59 9.04 1.59
N PRO B 262 17.24 9.95 0.68
CA PRO B 262 17.97 11.23 0.57
C PRO B 262 18.14 12.00 1.88
N GLU B 263 19.37 12.50 2.06
CA GLU B 263 19.81 13.46 3.09
C GLU B 263 19.95 12.82 4.47
N CYS B 264 19.11 13.17 5.44
CA CYS B 264 19.40 12.81 6.84
C CYS B 264 19.55 11.31 7.01
N LEU B 265 18.87 10.52 6.17
CA LEU B 265 19.02 9.07 6.24
C LEU B 265 20.38 8.62 5.69
N LYS B 266 20.95 9.38 4.75
CA LYS B 266 22.31 9.11 4.32
C LYS B 266 23.32 9.38 5.43
N TRP B 267 22.99 10.30 6.35
CA TRP B 267 23.91 10.63 7.43
C TRP B 267 24.07 9.44 8.38
N LEU B 268 22.96 8.90 8.89
CA LEU B 268 23.01 7.77 9.80
C LEU B 268 23.25 6.45 9.07
N ASP B 269 23.50 6.49 7.77
CA ASP B 269 24.02 5.32 7.07
C ASP B 269 25.47 5.05 7.47
N GLN B 270 26.27 6.11 7.56
CA GLN B 270 27.68 6.01 7.91
C GLN B 270 27.93 5.95 9.42
N GLN B 271 27.12 5.21 10.16
CA GLN B 271 27.22 5.20 11.61
C GLN B 271 27.01 3.79 12.14
N PRO B 272 27.55 3.50 13.32
CA PRO B 272 27.34 2.17 13.92
C PRO B 272 25.86 1.89 14.11
N ARG B 273 25.53 0.60 14.16
CA ARG B 273 24.15 0.21 14.41
C ARG B 273 23.78 0.56 15.85
N GLY B 274 22.61 1.16 16.02
CA GLY B 274 22.15 1.54 17.35
C GLY B 274 23.08 2.51 18.07
N SER B 275 23.57 3.51 17.36
CA SER B 275 24.50 4.50 17.94
C SER B 275 23.98 5.92 17.85
N VAL B 276 22.78 6.15 17.32
CA VAL B 276 22.22 7.49 17.18
C VAL B 276 21.04 7.62 18.13
N LEU B 277 20.99 8.71 18.88
CA LEU B 277 19.87 9.04 19.75
C LEU B 277 18.99 10.04 19.02
N PHE B 278 17.84 9.57 18.52
CA PHE B 278 16.91 10.45 17.83
C PHE B 278 16.15 11.28 18.85
N VAL B 279 16.20 12.60 18.72
CA VAL B 279 15.56 13.53 19.63
C VAL B 279 14.50 14.29 18.85
N ASN B 280 13.24 14.15 19.24
CA ASN B 280 12.16 14.85 18.56
C ASN B 280 10.97 14.94 19.51
N PHE B 281 10.58 16.16 19.85
CA PHE B 281 9.41 16.41 20.68
C PHE B 281 8.13 16.59 19.86
N GLY B 282 8.20 16.43 18.54
CA GLY B 282 7.05 16.61 17.69
C GLY B 282 6.58 18.05 17.65
N SER B 283 5.86 18.42 16.59
CA SER B 283 5.31 19.77 16.50
C SER B 283 4.46 20.05 17.74
N GLY B 284 4.57 21.28 18.24
CA GLY B 284 4.00 21.63 19.52
C GLY B 284 4.86 21.28 20.71
N GLY B 285 5.82 20.39 20.54
CA GLY B 285 6.77 20.07 21.59
C GLY B 285 7.87 21.11 21.68
N VAL B 286 7.53 22.30 22.17
CA VAL B 286 8.46 23.42 22.24
C VAL B 286 9.09 23.45 23.62
N LEU B 287 10.37 23.82 23.67
CA LEU B 287 11.09 23.97 24.92
C LEU B 287 11.26 25.45 25.25
N SER B 288 11.72 25.72 26.46
CA SER B 288 12.16 27.06 26.84
C SER B 288 13.64 27.21 26.50
N THR B 289 14.04 28.44 26.19
CA THR B 289 15.43 28.69 25.82
C THR B 289 16.39 28.11 26.85
N GLU B 290 16.02 28.19 28.13
CA GLU B 290 16.85 27.60 29.18
C GLU B 290 16.81 26.08 29.12
N GLN B 291 15.62 25.52 28.98
CA GLN B 291 15.49 24.06 28.86
C GLN B 291 16.24 23.55 27.64
N GLN B 292 16.19 24.30 26.53
CA GLN B 292 16.87 23.87 25.31
C GLN B 292 18.38 23.86 25.49
N ASN B 293 18.93 24.91 26.10
CA ASN B 293 20.38 25.06 26.18
C ASN B 293 21.02 24.03 27.12
N GLU B 294 20.26 23.45 28.04
CA GLU B 294 20.80 22.39 28.88
C GLU B 294 20.95 21.09 28.10
N LEU B 295 19.90 20.68 27.39
CA LEU B 295 20.02 19.52 26.50
C LEU B 295 21.10 19.76 25.46
N ALA B 296 21.08 20.94 24.82
CA ALA B 296 22.14 21.28 23.88
C ALA B 296 23.50 21.23 24.53
N GLY B 297 23.58 21.52 25.83
CA GLY B 297 24.86 21.47 26.53
C GLY B 297 25.38 20.04 26.67
N VAL B 298 24.50 19.10 26.97
CA VAL B 298 24.92 17.70 27.09
C VAL B 298 25.34 17.15 25.74
N LEU B 299 24.57 17.44 24.69
CA LEU B 299 24.90 16.97 23.36
C LEU B 299 26.20 17.58 22.84
N ALA B 300 26.65 18.69 23.42
CA ALA B 300 27.84 19.37 22.92
C ALA B 300 29.13 18.71 23.41
N HIS B 301 29.12 18.12 24.60
CA HIS B 301 30.33 17.55 25.19
C HIS B 301 30.35 16.02 25.13
N SER B 302 29.26 15.39 24.72
CA SER B 302 29.19 13.94 24.72
C SER B 302 30.10 13.36 23.63
N GLN B 303 30.37 12.06 23.77
CA GLN B 303 30.96 11.25 22.69
C GLN B 303 29.88 10.43 22.01
N GLN B 304 28.69 11.00 21.85
CA GLN B 304 27.53 10.30 21.35
C GLN B 304 27.02 10.96 20.07
N ARG B 305 26.49 10.14 19.17
CA ARG B 305 25.86 10.62 17.95
C ARG B 305 24.38 10.82 18.20
N PHE B 306 23.84 11.94 17.72
CA PHE B 306 22.45 12.31 17.96
C PHE B 306 21.85 12.91 16.71
N LEU B 307 20.54 12.73 16.57
CA LEU B 307 19.75 13.38 15.52
C LEU B 307 18.64 14.16 16.21
N TRP B 308 18.76 15.49 16.21
CA TRP B 308 17.91 16.36 17.01
C TRP B 308 17.05 17.22 16.09
N VAL B 309 15.74 17.08 16.22
CA VAL B 309 14.80 17.97 15.55
C VAL B 309 14.56 19.16 16.48
N VAL B 310 15.00 20.34 16.05
CA VAL B 310 15.00 21.52 16.89
C VAL B 310 13.90 22.48 16.44
N ARG B 311 13.34 23.20 17.39
CA ARG B 311 12.28 24.16 17.13
C ARG B 311 12.55 25.42 17.93
N PRO B 312 11.99 26.55 17.53
CA PRO B 312 12.18 27.80 18.28
C PRO B 312 11.62 27.67 19.69
N PRO B 313 12.32 28.16 20.70
CA PRO B 313 11.79 28.09 22.07
C PRO B 313 10.55 28.95 22.23
N ASN B 314 9.85 28.72 23.34
CA ASN B 314 8.62 29.45 23.65
C ASN B 314 8.90 30.74 24.43
N ASP B 315 10.07 31.33 24.26
CA ASP B 315 10.42 32.56 24.95
C ASP B 315 11.66 33.19 24.32
N GLY B 316 11.74 33.17 22.99
CA GLY B 316 12.92 33.65 22.30
C GLY B 316 12.68 34.91 21.49
N ILE B 317 11.68 35.71 21.87
CA ILE B 317 11.42 36.95 21.15
C ILE B 317 12.53 37.97 21.31
N ALA B 318 13.53 37.69 22.16
CA ALA B 318 14.73 38.51 22.22
C ALA B 318 15.63 38.29 21.00
N ASN B 319 15.44 37.18 20.29
CA ASN B 319 16.27 36.85 19.14
C ASN B 319 15.45 36.86 17.86
N ASP B 330 15.53 30.45 10.97
CA ASP B 330 15.47 29.02 11.29
C ASP B 330 15.90 28.78 12.73
N PRO B 331 15.48 27.65 13.31
CA PRO B 331 15.82 27.36 14.70
C PRO B 331 17.28 26.96 14.91
N LEU B 332 18.07 26.79 13.84
CA LEU B 332 19.48 26.48 14.03
C LEU B 332 20.23 27.64 14.67
N LYS B 333 19.97 28.87 14.17
CA LYS B 333 20.63 30.04 14.74
C LYS B 333 20.28 30.22 16.21
N LEU B 334 19.10 29.78 16.63
CA LEU B 334 18.71 29.89 18.03
C LEU B 334 19.49 28.96 18.94
N LEU B 335 20.38 28.13 18.41
CA LEU B 335 21.17 27.23 19.23
C LEU B 335 22.35 27.97 19.84
N PRO B 336 22.90 27.46 20.96
CA PRO B 336 24.06 28.12 21.58
C PRO B 336 25.20 28.35 20.60
N GLU B 337 26.12 29.25 20.95
CA GLU B 337 27.24 29.55 20.06
C GLU B 337 28.09 28.31 19.84
N GLY B 338 28.49 28.09 18.60
CA GLY B 338 29.41 27.03 18.26
C GLY B 338 28.90 25.63 18.59
N PHE B 339 27.60 25.50 18.88
CA PHE B 339 27.04 24.17 19.09
C PHE B 339 27.13 23.32 17.83
N LEU B 340 27.02 23.96 16.66
CA LEU B 340 27.19 23.25 15.40
C LEU B 340 28.66 23.03 15.04
N GLU B 341 29.55 23.87 15.57
CA GLU B 341 30.98 23.58 15.48
C GLU B 341 31.29 22.27 16.18
N GLN B 342 31.01 22.20 17.48
CA GLN B 342 30.92 20.91 18.14
C GLN B 342 29.77 20.11 17.53
N THR B 343 29.73 18.82 17.84
CA THR B 343 28.66 17.96 17.36
C THR B 343 28.66 17.85 15.83
N ALA B 344 29.60 18.51 15.17
CA ALA B 344 29.53 18.65 13.72
C ALA B 344 29.52 17.28 13.02
N GLY B 345 30.60 16.52 13.18
CA GLY B 345 30.67 15.22 12.55
C GLY B 345 29.86 14.14 13.25
N ARG B 346 29.53 14.33 14.52
CA ARG B 346 28.86 13.31 15.31
C ARG B 346 27.35 13.53 15.44
N GLY B 347 26.88 14.77 15.28
CA GLY B 347 25.47 15.06 15.43
C GLY B 347 24.94 15.85 14.25
N LEU B 348 23.65 15.65 13.98
CA LEU B 348 22.95 16.37 12.93
C LEU B 348 21.70 17.01 13.53
N VAL B 349 21.51 18.30 13.24
CA VAL B 349 20.34 19.04 13.73
C VAL B 349 19.39 19.23 12.55
N LEU B 350 18.12 18.89 12.77
CA LEU B 350 17.08 19.06 11.76
C LEU B 350 16.13 20.16 12.20
N PRO B 351 15.90 21.20 11.38
CA PRO B 351 14.98 22.26 11.78
C PRO B 351 13.53 21.86 11.54
N MET B 352 12.76 21.74 12.62
CA MET B 352 11.31 21.61 12.58
C MET B 352 10.84 20.20 12.26
N TRP B 353 11.29 19.62 11.14
CA TRP B 353 10.69 18.41 10.62
C TRP B 353 11.75 17.35 10.33
N ALA B 354 11.35 16.09 10.47
CA ALA B 354 12.19 14.93 10.17
C ALA B 354 11.28 13.78 9.79
N PRO B 355 11.77 12.82 9.00
CA PRO B 355 10.97 11.61 8.70
C PRO B 355 11.04 10.58 9.82
N GLN B 356 10.24 10.83 10.86
CA GLN B 356 10.37 10.08 12.11
C GLN B 356 10.27 8.58 11.88
N ILE B 357 9.30 8.14 11.08
CA ILE B 357 9.08 6.71 10.91
C ILE B 357 10.32 6.06 10.33
N ASP B 358 10.93 6.69 9.33
CA ASP B 358 12.10 6.10 8.69
C ASP B 358 13.29 6.06 9.66
N VAL B 359 13.46 7.10 10.47
CA VAL B 359 14.53 7.11 11.45
C VAL B 359 14.38 5.93 12.41
N LEU B 360 13.18 5.78 12.99
CA LEU B 360 12.95 4.72 13.96
C LEU B 360 13.14 3.33 13.38
N SER B 361 13.08 3.20 12.05
CA SER B 361 13.24 1.89 11.41
C SER B 361 14.68 1.58 11.03
N HIS B 362 15.55 2.60 10.97
CA HIS B 362 16.93 2.37 10.56
C HIS B 362 17.72 1.70 11.69
N GLU B 363 18.78 0.99 11.32
CA GLU B 363 19.54 0.20 12.28
C GLU B 363 20.40 1.08 13.17
N SER B 364 20.85 2.24 12.68
CA SER B 364 21.74 3.09 13.46
C SER B 364 21.02 3.70 14.66
N THR B 365 19.69 3.85 14.58
CA THR B 365 18.95 4.45 15.68
C THR B 365 18.81 3.45 16.82
N GLY B 366 19.40 3.78 17.97
CA GLY B 366 19.35 2.92 19.13
C GLY B 366 18.54 3.49 20.27
N GLY B 367 18.13 4.75 20.16
CA GLY B 367 17.36 5.39 21.21
C GLY B 367 16.49 6.48 20.63
N PHE B 368 15.36 6.72 21.29
CA PHE B 368 14.38 7.72 20.86
C PHE B 368 14.06 8.61 22.05
N LEU B 369 14.50 9.85 22.00
CA LEU B 369 14.15 10.85 23.01
C LEU B 369 12.89 11.56 22.54
N THR B 370 11.75 11.25 23.18
CA THR B 370 10.45 11.64 22.66
C THR B 370 9.62 12.30 23.73
N HIS B 371 8.68 13.13 23.26
CA HIS B 371 7.65 13.75 24.10
C HIS B 371 6.62 12.76 24.61
N CYS B 372 6.68 11.50 24.17
CA CYS B 372 5.76 10.45 24.60
C CYS B 372 4.35 10.67 24.07
N GLY B 373 4.21 11.32 22.92
CA GLY B 373 2.95 11.27 22.21
C GLY B 373 2.61 9.86 21.79
N TRP B 374 1.31 9.54 21.82
CA TRP B 374 0.91 8.14 21.65
C TRP B 374 1.29 7.61 20.28
N ASN B 375 1.14 8.42 19.23
CA ASN B 375 1.55 8.00 17.90
C ASN B 375 3.04 7.73 17.86
N SER B 376 3.85 8.67 18.38
CA SER B 376 5.28 8.45 18.44
C SER B 376 5.62 7.21 19.26
N THR B 377 4.90 7.00 20.37
CA THR B 377 5.15 5.83 21.21
C THR B 377 4.89 4.54 20.44
N LEU B 378 3.76 4.47 19.73
CA LEU B 378 3.42 3.27 18.98
C LEU B 378 4.46 3.00 17.90
N GLU B 379 4.81 4.03 17.13
CA GLU B 379 5.81 3.87 16.08
C GLU B 379 7.13 3.34 16.65
N SER B 380 7.51 3.84 17.83
CA SER B 380 8.77 3.39 18.44
C SER B 380 8.65 1.96 18.96
N VAL B 381 7.48 1.58 19.46
CA VAL B 381 7.28 0.21 19.91
C VAL B 381 7.35 -0.75 18.73
N PHE B 382 6.60 -0.45 17.67
CA PHE B 382 6.54 -1.36 16.52
C PHE B 382 7.92 -1.57 15.90
N HIS B 383 8.76 -0.54 15.92
CA HIS B 383 10.10 -0.65 15.35
C HIS B 383 11.16 -0.96 16.40
N GLY B 384 10.76 -1.24 17.63
CA GLY B 384 11.67 -1.63 18.69
C GLY B 384 12.81 -0.65 18.91
N VAL B 385 12.48 0.54 19.41
CA VAL B 385 13.49 1.54 19.74
C VAL B 385 13.27 1.97 21.19
N PRO B 386 14.19 1.68 22.11
CA PRO B 386 13.98 2.10 23.50
C PRO B 386 13.87 3.60 23.60
N LEU B 387 13.20 4.06 24.65
CA LEU B 387 12.77 5.45 24.75
C LEU B 387 13.51 6.19 25.86
N ILE B 388 13.63 7.50 25.67
CA ILE B 388 13.91 8.42 26.76
C ILE B 388 12.67 9.31 26.86
N THR B 389 11.93 9.16 27.96
CA THR B 389 10.62 9.76 28.10
C THR B 389 10.74 11.18 28.65
N TRP B 390 10.30 12.16 27.86
CA TRP B 390 10.35 13.57 28.23
C TRP B 390 8.99 14.19 27.95
N PRO B 391 7.96 13.85 28.73
CA PRO B 391 6.60 14.32 28.44
C PRO B 391 6.49 15.83 28.52
N LEU B 392 5.40 16.35 27.95
CA LEU B 392 5.20 17.80 27.88
C LEU B 392 3.76 18.21 28.17
N TYR B 393 2.82 17.84 27.30
CA TYR B 393 1.47 18.40 27.37
C TYR B 393 0.47 17.26 27.16
N ALA B 394 -0.80 17.63 27.05
CA ALA B 394 -1.90 16.71 26.80
C ALA B 394 -1.82 15.56 27.81
N GLU B 395 -2.29 14.38 27.43
CA GLU B 395 -2.20 13.23 28.32
C GLU B 395 -0.83 12.56 28.28
N GLN B 396 0.16 13.19 27.62
CA GLN B 396 1.51 12.66 27.66
C GLN B 396 1.96 12.46 29.09
N LYS B 397 1.48 13.31 30.00
CA LYS B 397 1.59 13.04 31.43
C LYS B 397 0.87 11.72 31.70
N MET B 398 1.63 10.70 32.12
CA MET B 398 1.13 9.35 32.44
C MET B 398 1.70 8.32 31.47
N ASN B 399 1.78 8.68 30.19
CA ASN B 399 2.34 7.77 29.19
C ASN B 399 3.75 7.35 29.57
N ALA B 400 4.55 8.30 30.06
CA ALA B 400 5.89 7.96 30.54
C ALA B 400 5.84 7.05 31.75
N VAL B 401 4.87 7.26 32.64
CA VAL B 401 4.73 6.41 33.82
C VAL B 401 4.59 4.94 33.39
N MET B 402 3.81 4.69 32.35
CA MET B 402 3.62 3.32 31.88
C MET B 402 4.89 2.77 31.24
N LEU B 403 5.45 3.53 30.28
CA LEU B 403 6.59 3.04 29.51
C LEU B 403 7.81 2.77 30.37
N THR B 404 7.92 3.40 31.54
CA THR B 404 9.09 3.26 32.39
C THR B 404 8.81 2.40 33.61
N GLU B 405 7.81 2.74 34.41
CA GLU B 405 7.48 1.92 35.58
C GLU B 405 6.74 0.65 35.18
N GLY B 406 5.77 0.77 34.28
CA GLY B 406 4.95 -0.37 33.90
C GLY B 406 5.66 -1.38 33.04
N LEU B 407 6.21 -0.94 31.90
CA LEU B 407 6.79 -1.84 30.93
C LEU B 407 8.31 -1.80 30.87
N ARG B 408 8.94 -0.76 31.42
CA ARG B 408 10.39 -0.68 31.51
C ARG B 408 11.04 -0.81 30.12
N VAL B 409 10.61 0.08 29.22
CA VAL B 409 11.18 0.17 27.88
C VAL B 409 11.75 1.56 27.61
N GLY B 410 12.03 2.33 28.66
CA GLY B 410 12.59 3.64 28.51
C GLY B 410 13.15 4.16 29.82
N LEU B 411 13.43 5.46 29.84
CA LEU B 411 13.97 6.12 31.02
C LEU B 411 13.41 7.53 31.11
N ARG B 412 12.97 7.92 32.30
CA ARG B 412 12.28 9.20 32.49
C ARG B 412 13.12 10.12 33.36
N PRO B 413 13.72 11.17 32.80
CA PRO B 413 14.40 12.17 33.64
C PRO B 413 13.40 12.84 34.59
N SER B 414 13.89 13.13 35.79
CA SER B 414 13.07 13.83 36.79
C SER B 414 13.24 15.33 36.64
N VAL B 415 12.23 16.07 37.07
CA VAL B 415 12.19 17.52 36.97
C VAL B 415 12.34 18.09 38.37
N GLY B 416 13.34 18.97 38.55
CA GLY B 416 13.54 19.62 39.82
C GLY B 416 12.43 20.62 40.12
N LYS B 417 12.53 21.22 41.31
CA LYS B 417 11.53 22.21 41.71
C LYS B 417 11.49 23.39 40.75
N ASP B 418 12.56 23.63 40.01
CA ASP B 418 12.61 24.72 39.04
C ASP B 418 11.86 24.42 37.76
N GLY B 419 11.11 23.32 37.70
CA GLY B 419 10.39 22.95 36.50
C GLY B 419 11.26 22.75 35.28
N ILE B 420 12.55 22.50 35.48
CA ILE B 420 13.51 22.35 34.39
C ILE B 420 14.33 21.08 34.63
N ILE B 421 14.61 20.36 33.56
CA ILE B 421 15.43 19.15 33.63
C ILE B 421 16.87 19.56 33.33
N ARG B 422 17.73 19.45 34.33
CA ARG B 422 19.13 19.86 34.17
C ARG B 422 19.90 18.81 33.36
N GLY B 423 21.05 19.25 32.84
CA GLY B 423 21.87 18.38 32.03
C GLY B 423 22.33 17.12 32.75
N ALA B 424 22.39 17.16 34.09
CA ALA B 424 22.81 15.99 34.84
C ALA B 424 21.92 14.80 34.52
N GLU B 425 20.59 14.96 34.65
CA GLU B 425 19.67 13.90 34.26
C GLU B 425 19.85 13.54 32.79
N ILE B 426 19.87 14.55 31.92
CA ILE B 426 19.98 14.30 30.48
C ILE B 426 21.21 13.44 30.19
N ALA B 427 22.34 13.78 30.81
CA ALA B 427 23.56 13.00 30.59
C ALA B 427 23.43 11.59 31.15
N ARG B 428 22.67 11.42 32.25
CA ARG B 428 22.56 10.12 32.87
C ARG B 428 21.72 9.17 32.02
N VAL B 429 20.47 9.54 31.74
CA VAL B 429 19.57 8.65 31.01
C VAL B 429 20.15 8.32 29.64
N ILE B 430 20.71 9.31 28.96
CA ILE B 430 21.29 9.05 27.64
C ILE B 430 22.44 8.06 27.75
N GLY B 431 23.23 8.16 28.82
CA GLY B 431 24.34 7.26 29.03
C GLY B 431 23.93 5.82 29.25
N GLU B 432 23.18 5.57 30.33
CA GLU B 432 22.83 4.20 30.68
C GLU B 432 21.96 3.55 29.61
N LEU B 433 21.21 4.34 28.85
CA LEU B 433 20.36 3.77 27.81
C LEU B 433 21.19 3.30 26.63
N MET B 434 21.97 4.20 26.03
CA MET B 434 22.75 3.83 24.86
C MET B 434 23.92 2.93 25.23
N GLU B 435 24.49 3.11 26.42
CA GLU B 435 25.60 2.28 26.88
C GLU B 435 25.34 1.92 28.35
N GLY B 436 24.99 0.67 28.61
CA GLY B 436 24.73 0.24 29.97
C GLY B 436 24.06 -1.11 30.04
N GLU B 437 24.14 -1.75 31.23
CA GLU B 437 23.52 -3.06 31.40
C GLU B 437 22.01 -2.95 31.50
N GLU B 438 21.50 -1.98 32.27
CA GLU B 438 20.07 -1.73 32.29
C GLU B 438 19.57 -1.21 30.95
N GLY B 439 20.46 -0.63 30.14
CA GLY B 439 20.10 -0.33 28.77
C GLY B 439 19.88 -1.57 27.93
N LYS B 440 20.56 -2.67 28.28
CA LYS B 440 20.30 -3.95 27.64
C LYS B 440 19.01 -4.57 28.17
N ARG B 441 18.75 -4.42 29.47
CA ARG B 441 17.48 -4.85 30.03
C ARG B 441 16.33 -4.10 29.38
N ILE B 442 16.51 -2.80 29.15
CA ILE B 442 15.45 -1.98 28.54
C ILE B 442 15.27 -2.36 27.08
N ARG B 443 16.38 -2.53 26.35
CA ARG B 443 16.28 -2.86 24.92
C ARG B 443 15.75 -4.26 24.72
N SER B 444 16.10 -5.21 25.58
CA SER B 444 15.60 -6.57 25.44
C SER B 444 14.10 -6.64 25.67
N LYS B 445 13.59 -5.92 26.69
CA LYS B 445 12.16 -5.91 26.94
C LYS B 445 11.39 -5.21 25.81
N MET B 446 12.02 -4.23 25.15
CA MET B 446 11.36 -3.56 24.04
C MET B 446 11.20 -4.47 22.83
N GLN B 447 12.06 -5.49 22.70
CA GLN B 447 11.89 -6.45 21.61
C GLN B 447 10.68 -7.35 21.83
N GLU B 448 10.39 -7.69 23.10
CA GLU B 448 9.18 -8.43 23.40
C GLU B 448 7.94 -7.68 22.92
N LEU B 449 7.93 -6.36 23.08
CA LEU B 449 6.82 -5.56 22.60
C LEU B 449 6.84 -5.38 21.09
N LYS B 450 8.04 -5.24 20.50
CA LYS B 450 8.14 -5.18 19.05
C LYS B 450 7.54 -6.43 18.42
N ARG B 451 7.92 -7.61 18.92
CA ARG B 451 7.33 -8.85 18.44
C ARG B 451 5.86 -8.95 18.84
N ALA B 452 5.55 -8.63 20.10
CA ALA B 452 4.16 -8.64 20.54
C ALA B 452 3.30 -7.76 19.65
N ALA B 453 3.77 -6.53 19.38
CA ALA B 453 3.02 -5.61 18.52
C ALA B 453 2.73 -6.26 17.17
N SER B 454 3.79 -6.69 16.46
CA SER B 454 3.59 -7.33 15.17
C SER B 454 2.73 -8.57 15.28
N ALA B 455 2.76 -9.25 16.44
CA ALA B 455 1.91 -10.42 16.65
C ALA B 455 0.44 -10.05 16.74
N VAL B 456 0.12 -8.77 16.94
CA VAL B 456 -1.25 -8.32 17.08
C VAL B 456 -1.80 -7.75 15.76
N LEU B 457 -1.04 -7.88 14.67
CA LEU B 457 -1.47 -7.30 13.39
C LEU B 457 -1.48 -8.34 12.27
N SER B 458 -1.43 -9.62 12.62
CA SER B 458 -1.64 -10.69 11.66
C SER B 458 -3.04 -11.27 11.86
N LYS B 459 -3.25 -12.51 11.42
CA LYS B 459 -4.48 -13.24 11.67
C LYS B 459 -4.11 -14.48 12.48
N ASP B 460 -4.61 -14.60 13.71
CA ASP B 460 -5.67 -13.77 14.27
C ASP B 460 -5.27 -12.33 14.60
N GLY B 461 -4.04 -12.14 15.05
CA GLY B 461 -3.56 -10.82 15.42
C GLY B 461 -4.37 -10.08 16.48
N SER B 462 -5.45 -10.68 16.98
CA SER B 462 -6.24 -10.08 18.06
C SER B 462 -6.83 -8.73 17.65
N SER B 463 -5.99 -7.78 17.26
CA SER B 463 -6.47 -6.49 16.75
C SER B 463 -7.14 -6.66 15.40
N THR B 464 -6.48 -7.36 14.47
CA THR B 464 -7.07 -7.60 13.16
C THR B 464 -8.43 -8.27 13.27
N ARG B 465 -8.63 -9.10 14.30
CA ARG B 465 -9.95 -9.68 14.51
C ARG B 465 -10.94 -8.64 15.02
N ALA B 466 -10.50 -7.80 15.96
CA ALA B 466 -11.37 -6.73 16.45
C ALA B 466 -11.91 -5.90 15.29
N LEU B 467 -11.03 -5.54 14.35
CA LEU B 467 -11.48 -4.88 13.13
C LEU B 467 -12.53 -5.73 12.40
N GLU B 468 -12.21 -7.01 12.19
CA GLU B 468 -13.15 -7.90 11.52
C GLU B 468 -14.51 -7.89 12.20
N GLU B 469 -14.53 -7.83 13.54
CA GLU B 469 -15.79 -7.79 14.26
C GLU B 469 -16.51 -6.46 14.06
N VAL B 470 -15.76 -5.35 14.13
CA VAL B 470 -16.36 -4.05 13.86
C VAL B 470 -16.99 -4.03 12.48
N ALA B 471 -16.30 -4.59 11.48
CA ALA B 471 -16.83 -4.63 10.13
C ALA B 471 -18.10 -5.47 10.07
N LYS B 472 -18.10 -6.63 10.72
CA LYS B 472 -19.30 -7.45 10.75
C LYS B 472 -20.48 -6.69 11.34
N ILE B 473 -20.22 -5.86 12.35
CA ILE B 473 -21.29 -5.06 12.96
C ILE B 473 -21.79 -4.02 11.98
N TRP B 474 -20.86 -3.26 11.39
CA TRP B 474 -21.25 -2.23 10.42
C TRP B 474 -22.00 -2.83 9.23
N GLU B 475 -21.66 -4.07 8.86
CA GLU B 475 -22.32 -4.73 7.74
C GLU B 475 -23.66 -5.35 8.11
N SER B 476 -23.95 -5.49 9.40
CA SER B 476 -25.25 -6.01 9.81
C SER B 476 -26.34 -4.97 9.60
N LYS B 477 -27.53 -5.46 9.26
CA LYS B 477 -28.68 -4.58 9.02
C LYS B 477 -28.35 -3.49 8.02
O1 IOS C . -2.43 -15.82 -22.75
N1 IOS C . -1.70 -16.50 -26.17
C1 IOS C . -2.01 -16.91 -24.95
C2 IOS C . -2.11 -15.81 -24.11
C3 IOS C . -1.84 -14.68 -24.92
C4 IOS C . -1.79 -13.30 -24.67
C5 IOS C . -1.48 -12.43 -25.70
C6 IOS C . -1.23 -12.92 -26.98
C7 IOS C . -1.29 -14.27 -27.23
C8 IOS C . -1.60 -15.16 -26.18
S IOS C . -1.17 -16.10 -21.71
O2 IOS C . -1.50 -15.64 -20.31
O3 IOS C . 0.01 -15.21 -22.03
O4 IOS C . -0.78 -17.56 -21.72
H1 IOS C . -1.59 -17.01 -26.85
HA IOS C . -2.14 -17.80 -24.71
H4 IOS C . -1.96 -12.97 -23.82
H5 IOS C . -1.45 -11.51 -25.54
H6 IOS C . -1.03 -12.32 -27.68
H7 IOS C . -1.12 -14.61 -28.08
MG MG D . 0.15 -19.64 -25.41
MG MG E . 4.33 -11.52 -16.49
MG MG F . 22.35 -2.10 -15.78
MG MG G . -13.37 -22.61 -4.16
O1 IOS H . -5.54 16.24 21.74
N1 IOS H . -6.52 16.13 25.15
C1 IOS H . -6.26 16.81 24.06
C2 IOS H . -5.89 15.93 23.06
C3 IOS H . -5.93 14.64 23.63
C4 IOS H . -5.67 13.35 23.14
C5 IOS H . -5.81 12.25 23.98
C6 IOS H . -6.22 12.44 25.30
C7 IOS H . -6.47 13.71 25.78
C8 IOS H . -6.33 14.82 24.94
S IOS H . -3.93 16.08 21.35
O2 IOS H . -3.74 15.10 20.22
O3 IOS H . -3.33 17.43 21.02
O4 IOS H . -3.18 15.40 22.46
H1 IOS H . -6.77 16.47 25.91
HA IOS H . -6.32 17.74 23.97
H4 IOS H . -5.41 13.23 22.26
H5 IOS H . -5.64 11.41 23.66
H6 IOS H . -6.31 11.69 25.86
H7 IOS H . -6.74 13.83 26.66
MG MG I . -2.97 0.84 8.38
#